data_2DYF
#
_entry.id   2DYF
#
_cell.length_a   1.000
_cell.length_b   1.000
_cell.length_c   1.000
_cell.angle_alpha   90.00
_cell.angle_beta   90.00
_cell.angle_gamma   90.00
#
_symmetry.space_group_name_H-M   'P 1'
#
loop_
_entity.id
_entity.type
_entity.pdbx_description
1 polymer 'Huntingtin-interacting protein HYPA/FBP11'
2 polymer 'PL (PPLP) motif peptide from Myosin tail region-interacting protein MTI1'
#
loop_
_entity_poly.entity_id
_entity_poly.type
_entity_poly.pdbx_seq_one_letter_code
_entity_poly.pdbx_strand_id
1 'polypeptide(L)' GSWTEHKSPDGRTYYYNTETKQSTWEKPDD A
2 'polypeptide(L)' GSTAPPLPR B
#
# COMPACT_ATOMS: atom_id res chain seq x y z
N GLY A 1 -7.19 -0.50 -11.63
CA GLY A 1 -6.33 -0.22 -10.49
C GLY A 1 -7.08 0.42 -9.34
N SER A 2 -6.74 0.03 -8.12
CA SER A 2 -7.40 0.57 -6.94
C SER A 2 -6.45 0.56 -5.74
N TRP A 3 -5.16 0.46 -6.02
CA TRP A 3 -4.15 0.44 -4.97
C TRP A 3 -3.79 1.85 -4.53
N THR A 4 -3.03 1.96 -3.44
CA THR A 4 -2.61 3.25 -2.92
C THR A 4 -1.14 3.25 -2.52
N GLU A 5 -0.34 4.09 -3.18
CA GLU A 5 1.08 4.17 -2.89
C GLU A 5 1.33 4.84 -1.55
N HIS A 6 1.82 4.06 -0.59
CA HIS A 6 2.10 4.58 0.75
C HIS A 6 3.60 4.60 1.03
N LYS A 7 3.98 5.10 2.19
CA LYS A 7 5.38 5.18 2.58
C LYS A 7 5.63 4.42 3.88
N SER A 8 6.57 3.49 3.84
CA SER A 8 6.90 2.69 5.02
C SER A 8 7.58 3.55 6.08
N PRO A 9 7.54 3.08 7.34
CA PRO A 9 8.14 3.79 8.47
C PRO A 9 9.66 3.78 8.41
N ASP A 10 10.21 3.06 7.44
CA ASP A 10 11.66 2.98 7.27
C ASP A 10 12.14 4.01 6.26
N GLY A 11 11.29 4.35 5.31
CA GLY A 11 11.65 5.32 4.28
C GLY A 11 11.43 4.80 2.88
N ARG A 12 10.79 3.64 2.78
CA ARG A 12 10.51 3.03 1.48
C ARG A 12 9.11 3.39 0.99
N THR A 13 8.61 2.62 0.03
CA THR A 13 7.28 2.86 -0.52
C THR A 13 6.56 1.55 -0.81
N TYR A 14 5.34 1.42 -0.29
CA TYR A 14 4.55 0.22 -0.49
C TYR A 14 3.11 0.57 -0.86
N TYR A 15 2.56 -0.16 -1.83
CA TYR A 15 1.19 0.08 -2.28
C TYR A 15 0.21 -0.76 -1.48
N TYR A 16 -1.06 -0.36 -1.50
CA TYR A 16 -2.10 -1.07 -0.77
C TYR A 16 -3.40 -1.12 -1.58
N ASN A 17 -3.87 -2.33 -1.86
CA ASN A 17 -5.10 -2.52 -2.63
C ASN A 17 -6.32 -2.16 -1.79
N THR A 18 -6.99 -1.08 -2.16
CA THR A 18 -8.18 -0.63 -1.44
C THR A 18 -9.42 -1.33 -1.96
N GLU A 19 -9.23 -2.31 -2.84
CA GLU A 19 -10.35 -3.04 -3.42
C GLU A 19 -10.35 -4.49 -2.93
N THR A 20 -9.16 -5.03 -2.69
CA THR A 20 -9.02 -6.40 -2.21
C THR A 20 -8.30 -6.45 -0.87
N LYS A 21 -7.91 -5.28 -0.37
CA LYS A 21 -7.21 -5.19 0.90
C LYS A 21 -5.89 -5.95 0.86
N GLN A 22 -4.95 -5.45 0.06
CA GLN A 22 -3.65 -6.09 -0.06
C GLN A 22 -2.53 -5.06 0.08
N SER A 23 -1.30 -5.49 -0.17
CA SER A 23 -0.13 -4.61 -0.07
C SER A 23 1.05 -5.19 -0.85
N THR A 24 1.98 -4.30 -1.22
CA THR A 24 3.16 -4.71 -1.97
C THR A 24 4.21 -3.62 -1.98
N TRP A 25 5.44 -3.99 -2.30
CA TRP A 25 6.55 -3.03 -2.35
C TRP A 25 6.77 -2.52 -3.77
N GLU A 26 6.02 -3.06 -4.72
CA GLU A 26 6.13 -2.66 -6.11
C GLU A 26 4.83 -2.05 -6.61
N LYS A 27 4.92 -1.30 -7.71
CA LYS A 27 3.76 -0.65 -8.29
C LYS A 27 2.89 -1.66 -9.04
N PRO A 28 1.68 -1.91 -8.52
CA PRO A 28 0.74 -2.85 -9.13
C PRO A 28 0.17 -2.34 -10.44
N ASP A 29 0.86 -2.63 -11.53
CA ASP A 29 0.41 -2.19 -12.85
C ASP A 29 0.02 -3.39 -13.72
N ASP A 30 -0.49 -4.43 -13.07
CA ASP A 30 -0.91 -5.64 -13.78
C ASP A 30 -2.19 -5.39 -14.56
N GLY B 1 -0.76 12.71 8.91
CA GLY B 1 -0.91 11.45 8.21
C GLY B 1 -0.37 10.28 8.99
N SER B 2 -0.73 10.21 10.28
CA SER B 2 -0.28 9.13 11.14
C SER B 2 -0.94 7.81 10.77
N THR B 3 -2.27 7.79 10.77
CA THR B 3 -3.02 6.60 10.44
C THR B 3 -2.67 6.10 9.04
N ALA B 4 -2.19 4.85 8.96
CA ALA B 4 -1.81 4.26 7.68
C ALA B 4 -2.04 2.75 7.70
N PRO B 5 -2.11 2.16 6.50
CA PRO B 5 -2.33 0.70 6.35
C PRO B 5 -1.11 -0.10 6.78
N PRO B 6 -1.30 -1.42 6.90
CA PRO B 6 -0.23 -2.34 7.31
C PRO B 6 0.85 -2.50 6.23
N LEU B 7 1.93 -3.18 6.58
CA LEU B 7 3.03 -3.39 5.64
C LEU B 7 2.88 -4.73 4.92
N PRO B 8 3.29 -4.76 3.65
CA PRO B 8 3.22 -5.98 2.83
C PRO B 8 4.20 -7.05 3.29
N ARG B 9 3.68 -8.24 3.57
CA ARG B 9 4.52 -9.35 4.01
C ARG B 9 4.71 -10.37 2.89
N GLY A 1 -6.30 0.84 -11.17
CA GLY A 1 -7.51 0.12 -10.82
C GLY A 1 -8.25 0.79 -9.67
N SER A 2 -7.96 0.35 -8.45
CA SER A 2 -8.61 0.90 -7.26
C SER A 2 -7.66 0.86 -6.06
N TRP A 3 -6.37 0.70 -6.34
CA TRP A 3 -5.38 0.64 -5.28
C TRP A 3 -4.97 2.05 -4.84
N THR A 4 -4.21 2.13 -3.75
CA THR A 4 -3.75 3.41 -3.23
C THR A 4 -2.29 3.35 -2.82
N GLU A 5 -1.46 4.17 -3.47
CA GLU A 5 -0.03 4.20 -3.17
C GLU A 5 0.22 4.86 -1.82
N HIS A 6 0.69 4.07 -0.86
CA HIS A 6 0.98 4.58 0.47
C HIS A 6 2.48 4.55 0.76
N LYS A 7 2.87 5.05 1.93
CA LYS A 7 4.28 5.07 2.32
C LYS A 7 4.49 4.31 3.63
N SER A 8 5.39 3.33 3.59
CA SER A 8 5.69 2.53 4.77
C SER A 8 6.38 3.37 5.83
N PRO A 9 6.32 2.90 7.09
CA PRO A 9 6.94 3.58 8.22
C PRO A 9 8.46 3.52 8.17
N ASP A 10 8.99 2.78 7.21
CA ASP A 10 10.43 2.65 7.05
C ASP A 10 10.97 3.66 6.04
N GLY A 11 10.13 4.03 5.09
CA GLY A 11 10.53 4.98 4.07
C GLY A 11 10.30 4.47 2.66
N ARG A 12 9.61 3.34 2.55
CA ARG A 12 9.33 2.73 1.25
C ARG A 12 7.94 3.15 0.76
N THR A 13 7.42 2.39 -0.20
CA THR A 13 6.11 2.67 -0.77
C THR A 13 5.35 1.39 -1.05
N TYR A 14 4.11 1.31 -0.54
CA TYR A 14 3.28 0.13 -0.75
C TYR A 14 1.86 0.53 -1.13
N TYR A 15 1.29 -0.18 -2.10
CA TYR A 15 -0.07 0.10 -2.56
C TYR A 15 -1.09 -0.70 -1.75
N TYR A 16 -2.33 -0.25 -1.79
CA TYR A 16 -3.41 -0.93 -1.07
C TYR A 16 -4.70 -0.93 -1.88
N ASN A 17 -5.21 -2.12 -2.17
CA ASN A 17 -6.44 -2.26 -2.93
C ASN A 17 -7.65 -1.86 -2.09
N THR A 18 -8.28 -0.76 -2.47
CA THR A 18 -9.46 -0.26 -1.76
C THR A 18 -10.72 -0.92 -2.28
N GLU A 19 -10.56 -1.89 -3.17
CA GLU A 19 -11.70 -2.60 -3.75
C GLU A 19 -11.77 -4.04 -3.24
N THR A 20 -10.60 -4.63 -3.00
CA THR A 20 -10.52 -5.99 -2.51
C THR A 20 -9.80 -6.06 -1.16
N LYS A 21 -9.37 -4.90 -0.68
CA LYS A 21 -8.68 -4.83 0.60
C LYS A 21 -7.39 -5.64 0.57
N GLN A 22 -6.42 -5.17 -0.22
CA GLN A 22 -5.14 -5.86 -0.34
C GLN A 22 -3.99 -4.88 -0.20
N SER A 23 -2.77 -5.36 -0.44
CA SER A 23 -1.58 -4.52 -0.34
C SER A 23 -0.42 -5.14 -1.10
N THR A 24 0.55 -4.29 -1.47
CA THR A 24 1.72 -4.75 -2.22
C THR A 24 2.82 -3.69 -2.22
N TRP A 25 4.03 -4.11 -2.54
CA TRP A 25 5.17 -3.20 -2.58
C TRP A 25 5.43 -2.71 -4.00
N GLU A 26 4.65 -3.22 -4.96
CA GLU A 26 4.79 -2.83 -6.35
C GLU A 26 3.52 -2.16 -6.86
N LYS A 27 3.65 -1.42 -7.96
CA LYS A 27 2.51 -0.74 -8.55
C LYS A 27 1.61 -1.71 -9.30
N PRO A 28 0.39 -1.92 -8.79
CA PRO A 28 -0.58 -2.83 -9.40
C PRO A 28 -1.12 -2.30 -10.72
N ASP A 29 -0.48 -2.68 -11.82
CA ASP A 29 -0.90 -2.24 -13.14
C ASP A 29 -1.68 -3.34 -13.86
N ASP A 30 -1.28 -4.58 -13.63
CA ASP A 30 -1.94 -5.72 -14.25
C ASP A 30 -3.14 -6.18 -13.41
N GLY B 1 0.05 11.06 10.57
CA GLY B 1 -1.22 11.77 10.58
C GLY B 1 -2.41 10.84 10.60
N SER B 2 -3.26 10.93 9.59
CA SER B 2 -4.45 10.10 9.51
C SER B 2 -4.07 8.62 9.50
N THR B 3 -4.93 7.79 10.09
CA THR B 3 -4.69 6.36 10.16
C THR B 3 -4.43 5.77 8.78
N ALA B 4 -3.33 5.04 8.66
CA ALA B 4 -2.97 4.42 7.38
C ALA B 4 -3.26 2.92 7.40
N PRO B 5 -3.35 2.32 6.20
CA PRO B 5 -3.61 0.90 6.06
C PRO B 5 -2.42 0.04 6.50
N PRO B 6 -2.66 -1.27 6.62
CA PRO B 6 -1.62 -2.24 7.04
C PRO B 6 -0.56 -2.42 5.97
N LEU B 7 0.51 -3.14 6.32
CA LEU B 7 1.59 -3.40 5.39
C LEU B 7 1.40 -4.73 4.68
N PRO B 8 1.82 -4.80 3.40
CA PRO B 8 1.71 -6.00 2.59
C PRO B 8 2.65 -7.11 3.05
N ARG B 9 3.63 -6.74 3.86
CA ARG B 9 4.60 -7.70 4.37
C ARG B 9 3.90 -8.83 5.13
N GLY A 1 -5.76 -1.53 -11.62
CA GLY A 1 -6.61 -2.49 -10.93
C GLY A 1 -7.47 -1.84 -9.86
N SER A 2 -7.16 -2.13 -8.60
CA SER A 2 -7.92 -1.57 -7.49
C SER A 2 -7.03 -1.37 -6.26
N TRP A 3 -5.72 -1.37 -6.49
CA TRP A 3 -4.76 -1.20 -5.42
C TRP A 3 -4.57 0.27 -5.09
N THR A 4 -3.87 0.56 -3.99
CA THR A 4 -3.61 1.93 -3.58
C THR A 4 -2.16 2.11 -3.13
N GLU A 5 -1.44 2.97 -3.82
CA GLU A 5 -0.05 3.24 -3.50
C GLU A 5 0.07 4.03 -2.20
N HIS A 6 0.61 3.40 -1.16
CA HIS A 6 0.78 4.06 0.13
C HIS A 6 2.26 4.26 0.45
N LYS A 7 2.53 4.91 1.58
CA LYS A 7 3.90 5.17 2.00
C LYS A 7 4.16 4.55 3.38
N SER A 8 5.18 3.69 3.45
CA SER A 8 5.54 3.05 4.70
C SER A 8 6.08 4.05 5.71
N PRO A 9 6.03 3.69 6.99
CA PRO A 9 6.50 4.55 8.09
C PRO A 9 8.02 4.71 8.09
N ASP A 10 8.68 3.96 7.20
CA ASP A 10 10.13 4.02 7.11
C ASP A 10 10.57 5.01 6.02
N GLY A 11 9.72 5.17 5.02
CA GLY A 11 10.03 6.09 3.93
C GLY A 11 9.93 5.44 2.57
N ARG A 12 9.41 4.22 2.54
CA ARG A 12 9.26 3.48 1.29
C ARG A 12 7.86 3.64 0.72
N THR A 13 7.47 2.75 -0.19
CA THR A 13 6.15 2.79 -0.81
C THR A 13 5.59 1.39 -1.00
N TYR A 14 4.37 1.18 -0.52
CA TYR A 14 3.71 -0.11 -0.64
C TYR A 14 2.26 0.04 -1.09
N TYR A 15 1.84 -0.81 -2.01
CA TYR A 15 0.48 -0.77 -2.52
C TYR A 15 -0.46 -1.64 -1.69
N TYR A 16 -1.76 -1.37 -1.79
CA TYR A 16 -2.75 -2.12 -1.03
C TYR A 16 -4.00 -2.37 -1.88
N ASN A 17 -4.32 -3.66 -2.07
CA ASN A 17 -5.48 -4.03 -2.86
C ASN A 17 -6.77 -3.74 -2.09
N THR A 18 -7.54 -2.77 -2.59
CA THR A 18 -8.80 -2.39 -1.96
C THR A 18 -9.95 -3.26 -2.46
N GLU A 19 -9.62 -4.27 -3.24
CA GLU A 19 -10.62 -5.17 -3.79
C GLU A 19 -10.50 -6.56 -3.16
N THR A 20 -9.28 -6.94 -2.82
CA THR A 20 -9.03 -8.25 -2.21
C THR A 20 -8.36 -8.10 -0.85
N LYS A 21 -8.10 -6.86 -0.45
CA LYS A 21 -7.47 -6.59 0.84
C LYS A 21 -6.09 -7.21 0.91
N GLN A 22 -5.17 -6.68 0.11
CA GLN A 22 -3.79 -7.19 0.07
C GLN A 22 -2.79 -6.05 0.17
N SER A 23 -1.51 -6.37 0.00
CA SER A 23 -0.45 -5.37 0.07
C SER A 23 0.81 -5.87 -0.62
N THR A 24 1.65 -4.93 -1.05
CA THR A 24 2.90 -5.27 -1.72
C THR A 24 3.84 -4.07 -1.78
N TRP A 25 5.12 -4.34 -2.04
CA TRP A 25 6.11 -3.27 -2.13
C TRP A 25 6.34 -2.87 -3.58
N GLU A 26 5.68 -3.57 -4.50
CA GLU A 26 5.82 -3.27 -5.92
C GLU A 26 4.48 -2.85 -6.51
N LYS A 27 4.55 -2.17 -7.66
CA LYS A 27 3.35 -1.70 -8.34
C LYS A 27 2.63 -2.85 -9.05
N PRO A 28 1.44 -3.20 -8.56
CA PRO A 28 0.64 -4.29 -9.14
C PRO A 28 0.07 -3.93 -10.50
N ASP A 29 0.95 -3.91 -11.50
CA ASP A 29 0.54 -3.59 -12.87
C ASP A 29 -0.42 -4.64 -13.42
N ASP A 30 -0.13 -5.89 -13.13
CA ASP A 30 -0.96 -7.00 -13.60
C ASP A 30 -2.22 -7.13 -12.74
N GLY B 1 0.10 11.67 8.98
CA GLY B 1 -1.12 10.89 9.05
C GLY B 1 -0.89 9.48 9.54
N SER B 2 -1.63 9.09 10.58
CA SER B 2 -1.50 7.75 11.16
C SER B 2 -2.43 6.77 10.48
N THR B 3 -3.65 7.23 10.19
CA THR B 3 -4.65 6.39 9.55
C THR B 3 -4.13 5.83 8.22
N ALA B 4 -3.89 4.52 8.18
CA ALA B 4 -3.40 3.88 6.97
C ALA B 4 -3.46 2.36 7.10
N PRO B 5 -3.43 1.66 5.95
CA PRO B 5 -3.48 0.19 5.91
C PRO B 5 -2.21 -0.44 6.45
N PRO B 6 -2.25 -1.76 6.68
CA PRO B 6 -1.12 -2.52 7.20
C PRO B 6 0.01 -2.64 6.17
N LEU B 7 1.14 -3.17 6.62
CA LEU B 7 2.30 -3.34 5.74
C LEU B 7 2.33 -4.75 5.14
N PRO B 8 2.80 -4.84 3.90
CA PRO B 8 2.89 -6.12 3.18
C PRO B 8 3.97 -7.03 3.76
N ARG B 9 4.25 -8.13 3.07
CA ARG B 9 5.25 -9.09 3.52
C ARG B 9 6.60 -8.40 3.72
N GLY A 1 -4.57 0.47 -12.71
CA GLY A 1 -5.17 -0.40 -11.71
C GLY A 1 -5.98 0.37 -10.67
N SER A 2 -5.80 0.01 -9.41
CA SER A 2 -6.52 0.67 -8.33
C SER A 2 -5.69 0.67 -7.05
N TRP A 3 -4.39 0.45 -7.19
CA TRP A 3 -3.49 0.42 -6.05
C TRP A 3 -3.06 1.83 -5.67
N THR A 4 -2.39 1.95 -4.53
CA THR A 4 -1.93 3.25 -4.04
C THR A 4 -0.49 3.16 -3.50
N GLU A 5 0.42 3.90 -4.13
CA GLU A 5 1.81 3.90 -3.71
C GLU A 5 1.99 4.64 -2.39
N HIS A 6 2.34 3.89 -1.35
CA HIS A 6 2.54 4.48 -0.03
C HIS A 6 4.01 4.41 0.38
N LYS A 7 4.32 4.96 1.55
CA LYS A 7 5.69 4.96 2.06
C LYS A 7 5.76 4.28 3.42
N SER A 8 6.60 3.25 3.54
CA SER A 8 6.76 2.53 4.79
C SER A 8 7.40 3.41 5.85
N PRO A 9 7.20 3.03 7.13
CA PRO A 9 7.75 3.78 8.26
C PRO A 9 9.27 3.65 8.36
N ASP A 10 9.84 2.81 7.50
CA ASP A 10 11.28 2.60 7.49
C ASP A 10 11.96 3.52 6.46
N GLY A 11 11.22 3.86 5.40
CA GLY A 11 11.76 4.72 4.37
C GLY A 11 11.62 4.12 2.99
N ARG A 12 10.89 3.01 2.89
CA ARG A 12 10.70 2.34 1.62
C ARG A 12 9.37 2.76 0.97
N THR A 13 8.90 1.98 0.01
CA THR A 13 7.66 2.28 -0.68
C THR A 13 6.86 1.01 -0.95
N TYR A 14 5.59 1.01 -0.56
CA TYR A 14 4.72 -0.15 -0.75
C TYR A 14 3.36 0.29 -1.28
N TYR A 15 2.84 -0.47 -2.25
CA TYR A 15 1.54 -0.15 -2.84
C TYR A 15 0.42 -0.85 -2.08
N TYR A 16 -0.80 -0.37 -2.25
CA TYR A 16 -1.96 -0.94 -1.58
C TYR A 16 -3.18 -0.95 -2.51
N ASN A 17 -3.73 -2.13 -2.75
CA ASN A 17 -4.88 -2.28 -3.61
C ASN A 17 -6.15 -1.78 -2.91
N THR A 18 -6.70 -0.68 -3.40
CA THR A 18 -7.91 -0.10 -2.82
C THR A 18 -9.16 -0.75 -3.41
N GLU A 19 -8.96 -1.77 -4.23
CA GLU A 19 -10.08 -2.47 -4.86
C GLU A 19 -10.24 -3.87 -4.27
N THR A 20 -9.12 -4.49 -3.90
CA THR A 20 -9.14 -5.82 -3.33
C THR A 20 -8.54 -5.83 -1.92
N LYS A 21 -8.11 -4.66 -1.46
CA LYS A 21 -7.52 -4.53 -0.14
C LYS A 21 -6.26 -5.39 -0.01
N GLN A 22 -5.23 -5.02 -0.75
CA GLN A 22 -3.97 -5.76 -0.72
C GLN A 22 -2.79 -4.81 -0.54
N SER A 23 -1.58 -5.35 -0.64
CA SER A 23 -0.37 -4.55 -0.49
C SER A 23 0.84 -5.26 -1.10
N THR A 24 1.85 -4.48 -1.44
CA THR A 24 3.06 -5.04 -2.05
C THR A 24 4.21 -4.03 -2.00
N TRP A 25 5.43 -4.52 -2.20
CA TRP A 25 6.61 -3.66 -2.20
C TRP A 25 7.00 -3.27 -3.61
N GLU A 26 6.29 -3.80 -4.60
CA GLU A 26 6.58 -3.51 -5.99
C GLU A 26 5.38 -2.85 -6.67
N LYS A 27 5.62 -2.18 -7.78
CA LYS A 27 4.56 -1.50 -8.52
C LYS A 27 3.72 -2.51 -9.30
N PRO A 28 2.44 -2.66 -8.90
CA PRO A 28 1.51 -3.58 -9.55
C PRO A 28 1.12 -3.11 -10.95
N ASP A 29 2.00 -3.34 -11.91
CA ASP A 29 1.74 -2.95 -13.29
C ASP A 29 1.39 -4.17 -14.15
N ASP A 30 0.71 -5.13 -13.54
CA ASP A 30 0.30 -6.35 -14.25
C ASP A 30 -1.14 -6.25 -14.72
N GLY B 1 -2.25 11.85 11.45
CA GLY B 1 -1.29 11.24 12.35
C GLY B 1 -1.31 9.72 12.27
N SER B 2 -0.24 9.15 11.73
CA SER B 2 -0.14 7.70 11.58
C SER B 2 -1.29 7.16 10.76
N THR B 3 -1.87 8.01 9.92
CA THR B 3 -2.98 7.61 9.07
C THR B 3 -2.49 7.01 7.76
N ALA B 4 -2.48 5.67 7.71
CA ALA B 4 -2.03 4.97 6.51
C ALA B 4 -2.36 3.48 6.60
N PRO B 5 -2.38 2.80 5.45
CA PRO B 5 -2.69 1.37 5.36
C PRO B 5 -1.58 0.51 5.96
N PRO B 6 -1.88 -0.78 6.16
CA PRO B 6 -0.92 -1.74 6.72
C PRO B 6 0.23 -2.05 5.76
N LEU B 7 1.20 -2.82 6.24
CA LEU B 7 2.35 -3.18 5.43
C LEU B 7 2.15 -4.55 4.78
N PRO B 8 2.68 -4.71 3.55
CA PRO B 8 2.57 -5.96 2.81
C PRO B 8 3.41 -7.08 3.43
N ARG B 9 4.62 -6.73 3.87
CA ARG B 9 5.52 -7.71 4.48
C ARG B 9 6.72 -7.01 5.12
N GLY A 1 -4.56 0.48 -10.95
CA GLY A 1 -5.88 0.93 -11.37
C GLY A 1 -6.61 1.65 -10.26
N SER A 2 -6.39 1.22 -9.01
CA SER A 2 -7.05 1.82 -7.86
C SER A 2 -6.17 1.71 -6.62
N TRP A 3 -4.89 1.47 -6.83
CA TRP A 3 -3.94 1.34 -5.72
C TRP A 3 -3.46 2.71 -5.25
N THR A 4 -2.75 2.73 -4.12
CA THR A 4 -2.24 3.98 -3.58
C THR A 4 -0.80 3.80 -3.09
N GLU A 5 0.12 4.56 -3.70
CA GLU A 5 1.53 4.49 -3.33
C GLU A 5 1.75 5.13 -1.95
N HIS A 6 2.13 4.31 -0.99
CA HIS A 6 2.39 4.80 0.37
C HIS A 6 3.86 4.66 0.73
N LYS A 7 4.22 5.11 1.92
CA LYS A 7 5.60 5.04 2.37
C LYS A 7 5.70 4.26 3.69
N SER A 8 6.52 3.22 3.69
CA SER A 8 6.70 2.39 4.88
C SER A 8 7.40 3.17 5.99
N PRO A 9 7.24 2.70 7.23
CA PRO A 9 7.86 3.34 8.40
C PRO A 9 9.38 3.17 8.43
N ASP A 10 9.89 2.39 7.49
CA ASP A 10 11.32 2.15 7.40
C ASP A 10 11.98 3.13 6.43
N GLY A 11 11.22 3.56 5.43
CA GLY A 11 11.74 4.49 4.44
C GLY A 11 11.55 4.00 3.02
N ARG A 12 10.78 2.92 2.87
CA ARG A 12 10.52 2.35 1.55
C ARG A 12 9.20 2.86 0.99
N THR A 13 8.67 2.15 0.00
CA THR A 13 7.41 2.53 -0.63
C THR A 13 6.57 1.29 -0.96
N TYR A 14 5.31 1.30 -0.52
CA TYR A 14 4.41 0.19 -0.77
C TYR A 14 3.04 0.68 -1.22
N TYR A 15 2.48 0.02 -2.22
CA TYR A 15 1.17 0.40 -2.75
C TYR A 15 0.06 -0.32 -2.00
N TYR A 16 -1.15 0.22 -2.09
CA TYR A 16 -2.31 -0.38 -1.42
C TYR A 16 -3.56 -0.29 -2.30
N ASN A 17 -4.15 -1.44 -2.61
CA ASN A 17 -5.34 -1.49 -3.44
C ASN A 17 -6.56 -1.02 -2.66
N THR A 18 -7.10 0.14 -3.05
CA THR A 18 -8.27 0.70 -2.39
C THR A 18 -9.56 0.14 -2.98
N GLU A 19 -9.42 -0.84 -3.88
CA GLU A 19 -10.57 -1.45 -4.51
C GLU A 19 -10.75 -2.89 -4.03
N THR A 20 -9.64 -3.56 -3.75
CA THR A 20 -9.67 -4.93 -3.27
C THR A 20 -9.04 -5.07 -1.90
N LYS A 21 -8.56 -3.95 -1.36
CA LYS A 21 -7.92 -3.93 -0.05
C LYS A 21 -6.68 -4.83 -0.03
N GLN A 22 -5.66 -4.43 -0.77
CA GLN A 22 -4.42 -5.20 -0.85
C GLN A 22 -3.21 -4.29 -0.64
N SER A 23 -2.02 -4.85 -0.83
CA SER A 23 -0.79 -4.10 -0.65
C SER A 23 0.38 -4.79 -1.36
N THR A 24 1.41 -4.02 -1.67
CA THR A 24 2.58 -4.56 -2.36
C THR A 24 3.76 -3.58 -2.29
N TRP A 25 4.95 -4.08 -2.56
CA TRP A 25 6.15 -3.26 -2.53
C TRP A 25 6.51 -2.77 -3.92
N GLU A 26 5.76 -3.22 -4.92
CA GLU A 26 6.01 -2.82 -6.30
C GLU A 26 4.79 -2.10 -6.89
N LYS A 27 5.02 -1.34 -7.96
CA LYS A 27 3.95 -0.60 -8.61
C LYS A 27 3.07 -1.53 -9.45
N PRO A 28 1.81 -1.69 -9.02
CA PRO A 28 0.85 -2.55 -9.70
C PRO A 28 0.42 -1.98 -11.05
N ASP A 29 1.26 -2.17 -12.07
CA ASP A 29 0.97 -1.67 -13.41
C ASP A 29 0.41 -2.79 -14.29
N ASP A 30 1.10 -3.92 -14.31
CA ASP A 30 0.66 -5.06 -15.12
C ASP A 30 -0.50 -5.79 -14.45
N GLY B 1 1.94 9.04 7.07
CA GLY B 1 2.09 8.03 8.10
C GLY B 1 0.91 7.99 9.05
N SER B 2 0.18 9.09 9.14
CA SER B 2 -0.98 9.17 10.02
C SER B 2 -2.14 8.35 9.46
N THR B 3 -2.70 7.47 10.31
CA THR B 3 -3.80 6.62 9.90
C THR B 3 -3.54 5.98 8.54
N ALA B 4 -2.31 5.54 8.33
CA ALA B 4 -1.93 4.90 7.07
C ALA B 4 -2.31 3.43 7.07
N PRO B 5 -2.39 2.84 5.86
CA PRO B 5 -2.74 1.43 5.70
C PRO B 5 -1.64 0.49 6.19
N PRO B 6 -1.97 -0.81 6.29
CA PRO B 6 -1.02 -1.82 6.76
C PRO B 6 0.08 -2.08 5.74
N LEU B 7 1.06 -2.90 6.12
CA LEU B 7 2.18 -3.23 5.25
C LEU B 7 1.91 -4.55 4.51
N PRO B 8 2.40 -4.63 3.27
CA PRO B 8 2.22 -5.82 2.43
C PRO B 8 3.05 -7.00 2.93
N ARG B 9 2.52 -7.71 3.92
CA ARG B 9 3.21 -8.86 4.49
C ARG B 9 2.74 -10.16 3.83
N GLY A 1 -6.45 -3.81 -11.26
CA GLY A 1 -6.69 -2.53 -11.91
C GLY A 1 -7.49 -1.59 -11.05
N SER A 2 -7.30 -1.67 -9.74
CA SER A 2 -8.03 -0.81 -8.81
C SER A 2 -7.18 -0.51 -7.57
N TRP A 3 -5.88 -0.75 -7.69
CA TRP A 3 -4.96 -0.51 -6.58
C TRP A 3 -4.56 0.97 -6.51
N THR A 4 -3.88 1.34 -5.43
CA THR A 4 -3.44 2.71 -5.24
C THR A 4 -2.01 2.77 -4.72
N GLU A 5 -1.12 3.37 -5.50
CA GLU A 5 0.28 3.48 -5.13
C GLU A 5 0.46 4.50 -4.00
N HIS A 6 0.82 4.01 -2.82
CA HIS A 6 1.02 4.88 -1.67
C HIS A 6 2.48 4.91 -1.25
N LYS A 7 2.80 5.72 -0.24
CA LYS A 7 4.16 5.85 0.23
C LYS A 7 4.26 5.46 1.71
N SER A 8 5.15 4.53 2.01
CA SER A 8 5.33 4.07 3.39
C SER A 8 5.98 5.17 4.25
N PRO A 9 5.81 5.04 5.57
CA PRO A 9 6.36 6.01 6.53
C PRO A 9 7.88 5.94 6.61
N ASP A 10 8.46 4.97 5.91
CA ASP A 10 9.91 4.80 5.92
C ASP A 10 10.54 5.50 4.71
N GLY A 11 9.78 5.59 3.63
CA GLY A 11 10.28 6.22 2.42
C GLY A 11 10.16 5.34 1.20
N ARG A 12 9.44 4.23 1.34
CA ARG A 12 9.25 3.29 0.24
C ARG A 12 7.92 3.55 -0.47
N THR A 13 7.46 2.55 -1.22
CA THR A 13 6.20 2.66 -1.95
C THR A 13 5.43 1.36 -1.92
N TYR A 14 4.17 1.43 -1.50
CA TYR A 14 3.32 0.24 -1.42
C TYR A 14 1.94 0.53 -2.01
N TYR A 15 1.43 -0.42 -2.79
CA TYR A 15 0.13 -0.28 -3.41
C TYR A 15 -0.97 -0.83 -2.50
N TYR A 16 -2.21 -0.41 -2.74
CA TYR A 16 -3.35 -0.87 -1.96
C TYR A 16 -4.57 -1.09 -2.83
N ASN A 17 -5.09 -2.31 -2.81
CA ASN A 17 -6.26 -2.67 -3.61
C ASN A 17 -7.53 -2.07 -3.02
N THR A 18 -8.10 -1.10 -3.72
CA THR A 18 -9.32 -0.43 -3.26
C THR A 18 -10.56 -1.21 -3.68
N GLU A 19 -10.34 -2.38 -4.26
CA GLU A 19 -11.45 -3.22 -4.71
C GLU A 19 -11.58 -4.47 -3.84
N THR A 20 -10.44 -4.98 -3.37
CA THR A 20 -10.42 -6.16 -2.53
C THR A 20 -9.82 -5.86 -1.16
N LYS A 21 -9.40 -4.60 -0.97
CA LYS A 21 -8.80 -4.19 0.29
C LYS A 21 -7.53 -4.97 0.58
N GLN A 22 -6.50 -4.74 -0.23
CA GLN A 22 -5.23 -5.42 -0.05
C GLN A 22 -4.07 -4.44 -0.08
N SER A 23 -2.85 -4.96 -0.09
CA SER A 23 -1.65 -4.12 -0.12
C SER A 23 -0.44 -4.91 -0.60
N THR A 24 0.56 -4.20 -1.12
CA THR A 24 1.77 -4.84 -1.61
C THR A 24 2.89 -3.82 -1.80
N TRP A 25 4.12 -4.31 -1.92
CA TRP A 25 5.27 -3.43 -2.11
C TRP A 25 5.64 -3.34 -3.59
N GLU A 26 4.93 -4.09 -4.42
CA GLU A 26 5.20 -4.09 -5.85
C GLU A 26 3.97 -3.61 -6.63
N LYS A 27 4.19 -3.18 -7.86
CA LYS A 27 3.11 -2.69 -8.71
C LYS A 27 2.26 -3.84 -9.24
N PRO A 28 1.01 -3.92 -8.79
CA PRO A 28 0.08 -4.98 -9.21
C PRO A 28 -0.36 -4.82 -10.67
N ASP A 29 -0.76 -3.60 -11.03
CA ASP A 29 -1.19 -3.32 -12.39
C ASP A 29 -0.74 -1.93 -12.84
N ASP A 30 -1.22 -0.91 -12.13
CA ASP A 30 -0.85 0.47 -12.44
C ASP A 30 -0.72 1.30 -11.18
N GLY B 1 -0.70 9.80 13.68
CA GLY B 1 -0.76 9.74 12.23
C GLY B 1 -1.73 8.68 11.73
N SER B 2 -3.02 8.89 12.00
CA SER B 2 -4.05 7.94 11.57
C SER B 2 -4.55 8.28 10.18
N THR B 3 -3.64 8.33 9.21
CA THR B 3 -3.99 8.64 7.84
C THR B 3 -3.42 7.60 6.88
N ALA B 4 -3.95 7.58 5.66
CA ALA B 4 -3.49 6.64 4.64
C ALA B 4 -3.79 5.21 5.06
N PRO B 5 -3.80 4.30 4.08
CA PRO B 5 -4.06 2.87 4.32
C PRO B 5 -2.92 2.18 5.07
N PRO B 6 -3.18 0.96 5.55
CA PRO B 6 -2.19 0.18 6.29
C PRO B 6 -1.04 -0.30 5.41
N LEU B 7 -0.06 -0.93 6.03
CA LEU B 7 1.10 -1.43 5.30
C LEU B 7 0.94 -2.92 4.97
N PRO B 8 1.45 -3.32 3.80
CA PRO B 8 1.38 -4.72 3.35
C PRO B 8 2.26 -5.64 4.17
N ARG B 9 2.33 -6.91 3.75
CA ARG B 9 3.14 -7.90 4.47
C ARG B 9 4.57 -7.40 4.65
N GLY A 1 -6.52 2.41 -12.89
CA GLY A 1 -5.94 2.15 -11.59
C GLY A 1 -6.70 2.84 -10.47
N SER A 2 -6.50 2.37 -9.24
CA SER A 2 -7.18 2.94 -8.08
C SER A 2 -6.33 2.78 -6.82
N TRP A 3 -5.03 2.54 -7.02
CA TRP A 3 -4.11 2.37 -5.90
C TRP A 3 -3.56 3.71 -5.43
N THR A 4 -2.88 3.71 -4.29
CA THR A 4 -2.31 4.93 -3.74
C THR A 4 -0.89 4.69 -3.23
N GLU A 5 0.08 5.40 -3.81
CA GLU A 5 1.47 5.25 -3.42
C GLU A 5 1.71 5.89 -2.05
N HIS A 6 2.05 5.05 -1.07
CA HIS A 6 2.30 5.53 0.29
C HIS A 6 3.77 5.31 0.67
N LYS A 7 4.13 5.75 1.87
CA LYS A 7 5.49 5.60 2.35
C LYS A 7 5.53 4.82 3.67
N SER A 8 6.29 3.74 3.69
CA SER A 8 6.40 2.91 4.88
C SER A 8 7.13 3.66 5.99
N PRO A 9 6.93 3.20 7.24
CA PRO A 9 7.55 3.81 8.42
C PRO A 9 9.06 3.57 8.47
N ASP A 10 9.55 2.76 7.54
CA ASP A 10 10.97 2.44 7.47
C ASP A 10 11.70 3.37 6.51
N GLY A 11 10.97 3.85 5.49
CA GLY A 11 11.56 4.73 4.52
C GLY A 11 11.36 4.25 3.09
N ARG A 12 10.54 3.21 2.93
CA ARG A 12 10.27 2.65 1.61
C ARG A 12 8.98 3.22 1.03
N THR A 13 8.44 2.54 0.03
CA THR A 13 7.21 2.98 -0.62
C THR A 13 6.31 1.80 -0.96
N TYR A 14 5.06 1.87 -0.55
CA TYR A 14 4.10 0.81 -0.80
C TYR A 14 2.76 1.38 -1.28
N TYR A 15 2.17 0.74 -2.29
CA TYR A 15 0.90 1.18 -2.83
C TYR A 15 -0.27 0.52 -2.09
N TYR A 16 -1.46 1.12 -2.21
CA TYR A 16 -2.65 0.59 -1.57
C TYR A 16 -3.87 0.76 -2.46
N ASN A 17 -4.52 -0.36 -2.78
CA ASN A 17 -5.70 -0.36 -3.62
C ASN A 17 -6.91 0.18 -2.86
N THR A 18 -7.38 1.36 -3.26
CA THR A 18 -8.52 1.98 -2.61
C THR A 18 -9.83 1.49 -3.22
N GLU A 19 -9.74 0.51 -4.11
CA GLU A 19 -10.91 -0.06 -4.75
C GLU A 19 -11.18 -1.48 -4.27
N THR A 20 -10.10 -2.20 -3.96
CA THR A 20 -10.22 -3.57 -3.49
C THR A 20 -9.61 -3.72 -2.11
N LYS A 21 -9.07 -2.63 -1.57
CA LYS A 21 -8.46 -2.65 -0.25
C LYS A 21 -7.27 -3.61 -0.20
N GLN A 22 -6.22 -3.27 -0.94
CA GLN A 22 -5.02 -4.10 -0.99
C GLN A 22 -3.77 -3.25 -0.78
N SER A 23 -2.61 -3.88 -0.94
CA SER A 23 -1.34 -3.19 -0.76
C SER A 23 -0.20 -3.95 -1.44
N THR A 24 0.88 -3.24 -1.75
CA THR A 24 2.03 -3.84 -2.40
C THR A 24 3.25 -2.93 -2.31
N TRP A 25 4.43 -3.50 -2.57
CA TRP A 25 5.67 -2.74 -2.51
C TRP A 25 6.09 -2.28 -3.91
N GLU A 26 5.32 -2.69 -4.92
CA GLU A 26 5.61 -2.32 -6.29
C GLU A 26 4.45 -1.53 -6.91
N LYS A 27 4.73 -0.81 -7.98
CA LYS A 27 3.72 -0.01 -8.65
C LYS A 27 2.79 -0.89 -9.48
N PRO A 28 1.52 -0.98 -9.08
CA PRO A 28 0.52 -1.78 -9.76
C PRO A 28 0.14 -1.20 -11.12
N ASP A 29 0.97 -1.48 -12.13
CA ASP A 29 0.72 -0.98 -13.48
C ASP A 29 0.06 -2.06 -14.34
N ASP A 30 0.40 -3.32 -14.07
CA ASP A 30 -0.16 -4.43 -14.82
C ASP A 30 -1.59 -4.73 -14.38
N GLY B 1 0.38 14.34 10.38
CA GLY B 1 -1.02 14.13 10.68
C GLY B 1 -1.68 13.18 9.70
N SER B 2 -2.93 12.83 9.97
CA SER B 2 -3.68 11.91 9.11
C SER B 2 -3.07 10.51 9.16
N THR B 3 -3.88 9.53 9.56
CA THR B 3 -3.42 8.15 9.66
C THR B 3 -3.15 7.57 8.27
N ALA B 4 -2.37 6.49 8.23
CA ALA B 4 -2.03 5.84 6.98
C ALA B 4 -2.51 4.38 6.98
N PRO B 5 -2.62 3.81 5.78
CA PRO B 5 -3.07 2.41 5.60
C PRO B 5 -2.04 1.41 6.09
N PRO B 6 -2.44 0.15 6.20
CA PRO B 6 -1.56 -0.94 6.66
C PRO B 6 -0.49 -1.28 5.64
N LEU B 7 0.50 -2.06 6.07
CA LEU B 7 1.60 -2.46 5.19
C LEU B 7 1.26 -3.75 4.46
N PRO B 8 1.76 -3.87 3.21
CA PRO B 8 1.53 -5.06 2.38
C PRO B 8 2.28 -6.28 2.90
N ARG B 9 1.95 -7.45 2.35
CA ARG B 9 2.59 -8.69 2.77
C ARG B 9 2.92 -9.55 1.55
N GLY A 1 -7.27 -1.13 -10.03
CA GLY A 1 -8.52 -0.52 -10.43
C GLY A 1 -9.16 0.28 -9.31
N SER A 2 -8.79 -0.03 -8.08
CA SER A 2 -9.34 0.67 -6.92
C SER A 2 -8.31 0.72 -5.79
N TRP A 3 -7.05 0.50 -6.13
CA TRP A 3 -5.97 0.53 -5.14
C TRP A 3 -5.49 1.95 -4.90
N THR A 4 -4.66 2.14 -3.88
CA THR A 4 -4.13 3.45 -3.55
C THR A 4 -2.63 3.37 -3.25
N GLU A 5 -1.84 4.07 -4.06
CA GLU A 5 -0.39 4.08 -3.89
C GLU A 5 0.00 4.89 -2.65
N HIS A 6 0.47 4.19 -1.62
CA HIS A 6 0.87 4.85 -0.39
C HIS A 6 2.39 4.81 -0.22
N LYS A 7 2.88 5.43 0.85
CA LYS A 7 4.31 5.47 1.12
C LYS A 7 4.62 4.89 2.50
N SER A 8 5.40 3.82 2.53
CA SER A 8 5.76 3.17 3.79
C SER A 8 6.53 4.13 4.69
N PRO A 9 6.53 3.84 5.99
CA PRO A 9 7.22 4.67 6.99
C PRO A 9 8.75 4.57 6.87
N ASP A 10 9.20 3.69 5.98
CA ASP A 10 10.63 3.50 5.76
C ASP A 10 11.12 4.35 4.59
N GLY A 11 10.23 4.60 3.64
CA GLY A 11 10.60 5.40 2.48
C GLY A 11 10.24 4.71 1.18
N ARG A 12 9.59 3.55 1.27
CA ARG A 12 9.20 2.81 0.08
C ARG A 12 7.80 3.20 -0.36
N THR A 13 7.19 2.37 -1.21
CA THR A 13 5.86 2.62 -1.72
C THR A 13 5.04 1.35 -1.80
N TYR A 14 3.84 1.37 -1.21
CA TYR A 14 2.96 0.21 -1.21
C TYR A 14 1.53 0.61 -1.54
N TYR A 15 0.87 -0.18 -2.37
CA TYR A 15 -0.50 0.09 -2.77
C TYR A 15 -1.49 -0.57 -1.81
N TYR A 16 -2.72 -0.07 -1.80
CA TYR A 16 -3.75 -0.61 -0.92
C TYR A 16 -5.10 -0.66 -1.64
N ASN A 17 -5.67 -1.85 -1.73
CA ASN A 17 -6.96 -2.04 -2.40
C ASN A 17 -8.09 -1.49 -1.53
N THR A 18 -8.71 -0.42 -1.99
CA THR A 18 -9.81 0.20 -1.27
C THR A 18 -11.14 -0.45 -1.61
N GLU A 19 -11.07 -1.52 -2.39
CA GLU A 19 -12.27 -2.24 -2.80
C GLU A 19 -12.35 -3.61 -2.12
N THR A 20 -11.18 -4.20 -1.87
CA THR A 20 -11.12 -5.51 -1.23
C THR A 20 -10.31 -5.45 0.06
N LYS A 21 -9.79 -4.26 0.38
CA LYS A 21 -9.00 -4.06 1.58
C LYS A 21 -7.74 -4.93 1.55
N GLN A 22 -6.82 -4.61 0.64
CA GLN A 22 -5.58 -5.36 0.51
C GLN A 22 -4.38 -4.42 0.46
N SER A 23 -3.21 -4.97 0.19
CA SER A 23 -1.99 -4.18 0.11
C SER A 23 -0.90 -4.93 -0.67
N THR A 24 0.05 -4.18 -1.19
CA THR A 24 1.15 -4.76 -1.96
C THR A 24 2.27 -3.76 -2.17
N TRP A 25 3.45 -4.26 -2.52
CA TRP A 25 4.61 -3.41 -2.75
C TRP A 25 4.77 -3.10 -4.23
N GLU A 26 3.92 -3.69 -5.06
CA GLU A 26 3.96 -3.48 -6.50
C GLU A 26 2.68 -2.83 -7.00
N LYS A 27 2.75 -2.24 -8.19
CA LYS A 27 1.60 -1.58 -8.78
C LYS A 27 0.62 -2.60 -9.35
N PRO A 28 -0.57 -2.70 -8.73
CA PRO A 28 -1.61 -3.63 -9.15
C PRO A 28 -2.23 -3.23 -10.49
N ASP A 29 -1.56 -3.60 -11.59
CA ASP A 29 -2.04 -3.29 -12.92
C ASP A 29 -1.97 -4.51 -13.82
N ASP A 30 -2.00 -5.69 -13.22
CA ASP A 30 -1.94 -6.94 -13.97
C ASP A 30 -2.65 -8.06 -13.22
N GLY B 1 -3.34 5.58 16.54
CA GLY B 1 -2.31 5.00 15.72
C GLY B 1 -1.68 6.00 14.76
N SER B 2 -1.86 5.77 13.46
CA SER B 2 -1.30 6.65 12.44
C SER B 2 -2.37 7.05 11.43
N THR B 3 -1.99 7.91 10.50
CA THR B 3 -2.91 8.37 9.46
C THR B 3 -2.62 7.69 8.13
N ALA B 4 -2.80 6.39 8.08
CA ALA B 4 -2.56 5.61 6.86
C ALA B 4 -2.87 4.14 7.06
N PRO B 5 -3.08 3.42 5.95
CA PRO B 5 -3.40 2.00 5.98
C PRO B 5 -2.22 1.14 6.42
N PRO B 6 -2.48 -0.14 6.71
CA PRO B 6 -1.44 -1.08 7.15
C PRO B 6 -0.46 -1.43 6.04
N LEU B 7 0.61 -2.13 6.39
CA LEU B 7 1.62 -2.52 5.42
C LEU B 7 1.35 -3.93 4.89
N PRO B 8 1.67 -4.15 3.60
CA PRO B 8 1.47 -5.44 2.94
C PRO B 8 2.43 -6.51 3.47
N ARG B 9 3.69 -6.16 3.57
CA ARG B 9 4.71 -7.09 4.06
C ARG B 9 5.85 -6.34 4.75
N GLY A 1 -6.82 -1.22 -8.85
CA GLY A 1 -7.37 0.10 -9.07
C GLY A 1 -8.07 0.65 -7.84
N SER A 2 -7.65 0.19 -6.67
CA SER A 2 -8.23 0.62 -5.41
C SER A 2 -7.20 0.61 -4.29
N TRP A 3 -5.93 0.58 -4.67
CA TRP A 3 -4.84 0.56 -3.69
C TRP A 3 -4.49 1.97 -3.25
N THR A 4 -3.65 2.08 -2.22
CA THR A 4 -3.23 3.37 -1.69
C THR A 4 -1.73 3.39 -1.41
N GLU A 5 -1.02 4.26 -2.11
CA GLU A 5 0.42 4.38 -1.94
C GLU A 5 0.75 5.03 -0.59
N HIS A 6 1.34 4.24 0.30
CA HIS A 6 1.71 4.74 1.63
C HIS A 6 3.22 4.81 1.78
N LYS A 7 3.68 5.30 2.92
CA LYS A 7 5.10 5.42 3.19
C LYS A 7 5.49 4.67 4.46
N SER A 8 6.37 3.68 4.32
CA SER A 8 6.81 2.88 5.46
C SER A 8 7.52 3.76 6.49
N PRO A 9 7.58 3.27 7.74
CA PRO A 9 8.22 3.98 8.84
C PRO A 9 9.73 4.05 8.69
N ASP A 10 10.26 3.38 7.67
CA ASP A 10 11.68 3.38 7.41
C ASP A 10 12.06 4.45 6.39
N GLY A 11 11.14 4.73 5.48
CA GLY A 11 11.40 5.73 4.46
C GLY A 11 11.06 5.24 3.06
N ARG A 12 10.56 4.00 2.98
CA ARG A 12 10.19 3.42 1.69
C ARG A 12 8.75 3.75 1.33
N THR A 13 8.20 2.99 0.38
CA THR A 13 6.83 3.21 -0.06
C THR A 13 6.12 1.88 -0.33
N TYR A 14 4.95 1.71 0.27
CA TYR A 14 4.18 0.49 0.10
C TYR A 14 2.70 0.81 -0.15
N TYR A 15 2.10 0.09 -1.08
CA TYR A 15 0.70 0.29 -1.43
C TYR A 15 -0.20 -0.60 -0.56
N TYR A 16 -1.48 -0.23 -0.48
CA TYR A 16 -2.44 -0.99 0.30
C TYR A 16 -3.80 -1.06 -0.40
N ASN A 17 -4.26 -2.27 -0.67
CA ASN A 17 -5.53 -2.46 -1.34
C ASN A 17 -6.69 -2.18 -0.39
N THR A 18 -7.43 -1.10 -0.66
CA THR A 18 -8.57 -0.72 0.16
C THR A 18 -9.84 -1.45 -0.27
N GLU A 19 -9.68 -2.38 -1.20
CA GLU A 19 -10.82 -3.15 -1.71
C GLU A 19 -10.74 -4.60 -1.25
N THR A 20 -9.52 -5.11 -1.14
CA THR A 20 -9.31 -6.49 -0.71
C THR A 20 -8.47 -6.55 0.57
N LYS A 21 -8.08 -5.38 1.06
CA LYS A 21 -7.28 -5.30 2.29
C LYS A 21 -5.94 -6.01 2.11
N GLN A 22 -5.10 -5.47 1.24
CA GLN A 22 -3.78 -6.06 0.99
C GLN A 22 -2.68 -5.01 1.07
N SER A 23 -1.47 -5.40 0.71
CA SER A 23 -0.33 -4.48 0.74
C SER A 23 0.80 -4.99 -0.14
N THR A 24 1.68 -4.09 -0.55
CA THR A 24 2.81 -4.45 -1.40
C THR A 24 3.83 -3.32 -1.45
N TRP A 25 5.04 -3.64 -1.89
CA TRP A 25 6.11 -2.66 -1.98
C TRP A 25 6.22 -2.11 -3.41
N GLU A 26 5.40 -2.64 -4.30
CA GLU A 26 5.40 -2.21 -5.69
C GLU A 26 4.04 -1.63 -6.08
N LYS A 27 4.03 -0.85 -7.16
CA LYS A 27 2.80 -0.24 -7.64
C LYS A 27 1.93 -1.25 -8.35
N PRO A 28 0.77 -1.56 -7.75
CA PRO A 28 -0.19 -2.52 -8.31
C PRO A 28 -0.88 -1.99 -9.57
N ASP A 29 -0.19 -2.11 -10.71
CA ASP A 29 -0.73 -1.64 -11.97
C ASP A 29 -1.70 -2.66 -12.56
N ASP A 30 -1.42 -3.93 -12.33
CA ASP A 30 -2.27 -5.01 -12.83
C ASP A 30 -2.68 -5.95 -11.70
N GLY B 1 0.45 9.93 8.51
CA GLY B 1 0.65 10.77 9.68
C GLY B 1 0.77 9.95 10.95
N SER B 2 -0.25 10.02 11.80
CA SER B 2 -0.25 9.29 13.06
C SER B 2 -0.76 7.87 12.86
N THR B 3 -1.81 7.73 12.07
CA THR B 3 -2.40 6.43 11.80
C THR B 3 -2.12 5.98 10.37
N ALA B 4 -1.89 4.68 10.19
CA ALA B 4 -1.61 4.13 8.87
C ALA B 4 -1.80 2.61 8.86
N PRO B 5 -1.97 2.04 7.66
CA PRO B 5 -2.15 0.60 7.48
C PRO B 5 -0.88 -0.19 7.80
N PRO B 6 -1.03 -1.52 7.90
CA PRO B 6 0.10 -2.42 8.19
C PRO B 6 1.08 -2.51 7.02
N LEU B 7 2.22 -3.14 7.27
CA LEU B 7 3.24 -3.31 6.23
C LEU B 7 3.06 -4.63 5.50
N PRO B 8 3.38 -4.63 4.19
CA PRO B 8 3.26 -5.83 3.35
C PRO B 8 4.31 -6.88 3.70
N ARG B 9 4.19 -8.05 3.08
CA ARG B 9 5.12 -9.15 3.34
C ARG B 9 6.52 -8.79 2.84
N GLY A 1 -7.67 0.71 -12.15
CA GLY A 1 -8.12 -0.13 -11.04
C GLY A 1 -8.83 0.66 -9.97
N SER A 2 -8.53 0.35 -8.71
CA SER A 2 -9.14 1.04 -7.58
C SER A 2 -8.19 1.09 -6.39
N TRP A 3 -6.90 0.89 -6.67
CA TRP A 3 -5.88 0.91 -5.62
C TRP A 3 -5.39 2.33 -5.37
N THR A 4 -4.62 2.51 -4.31
CA THR A 4 -4.09 3.82 -3.96
C THR A 4 -2.62 3.73 -3.56
N GLU A 5 -1.75 4.40 -4.32
CA GLU A 5 -0.33 4.40 -4.05
C GLU A 5 -0.01 5.22 -2.80
N HIS A 6 0.43 4.54 -1.75
CA HIS A 6 0.78 5.20 -0.49
C HIS A 6 2.27 5.13 -0.22
N LYS A 7 2.71 5.74 0.87
CA LYS A 7 4.11 5.74 1.24
C LYS A 7 4.32 5.13 2.63
N SER A 8 5.15 4.10 2.70
CA SER A 8 5.42 3.43 3.96
C SER A 8 6.18 4.36 4.91
N PRO A 9 6.12 4.05 6.22
CA PRO A 9 6.79 4.83 7.26
C PRO A 9 8.30 4.69 7.20
N ASP A 10 8.77 3.80 6.33
CA ASP A 10 10.21 3.58 6.17
C ASP A 10 10.78 4.42 5.05
N GLY A 11 9.94 4.72 4.05
CA GLY A 11 10.39 5.52 2.93
C GLY A 11 10.11 4.85 1.59
N ARG A 12 9.35 3.76 1.63
CA ARG A 12 9.02 3.02 0.41
C ARG A 12 7.65 3.44 -0.11
N THR A 13 7.07 2.60 -0.97
CA THR A 13 5.76 2.87 -1.55
C THR A 13 4.93 1.61 -1.66
N TYR A 14 3.72 1.66 -1.14
CA TYR A 14 2.81 0.51 -1.18
C TYR A 14 1.41 0.93 -1.59
N TYR A 15 0.79 0.14 -2.45
CA TYR A 15 -0.56 0.43 -2.92
C TYR A 15 -1.61 -0.21 -2.02
N TYR A 16 -2.83 0.29 -2.08
CA TYR A 16 -3.92 -0.22 -1.26
C TYR A 16 -5.22 -0.26 -2.05
N ASN A 17 -5.82 -1.45 -2.17
CA ASN A 17 -7.07 -1.61 -2.89
C ASN A 17 -8.24 -1.04 -2.10
N THR A 18 -8.82 0.03 -2.60
CA THR A 18 -9.95 0.68 -1.94
C THR A 18 -11.26 0.03 -2.35
N GLU A 19 -11.18 -1.08 -3.08
CA GLU A 19 -12.36 -1.78 -3.55
C GLU A 19 -12.47 -3.15 -2.87
N THR A 20 -11.32 -3.78 -2.61
CA THR A 20 -11.30 -5.08 -1.96
C THR A 20 -10.56 -5.02 -0.63
N LYS A 21 -10.06 -3.83 -0.29
CA LYS A 21 -9.34 -3.64 0.96
C LYS A 21 -8.09 -4.52 1.01
N GLN A 22 -7.11 -4.20 0.16
CA GLN A 22 -5.88 -4.96 0.11
C GLN A 22 -4.66 -4.02 0.12
N SER A 23 -3.48 -4.59 -0.09
CA SER A 23 -2.25 -3.81 -0.11
C SER A 23 -1.13 -4.57 -0.82
N THR A 24 -0.15 -3.83 -1.30
CA THR A 24 0.98 -4.43 -2.00
C THR A 24 2.13 -3.44 -2.14
N TRP A 25 3.32 -3.96 -2.44
CA TRP A 25 4.50 -3.12 -2.60
C TRP A 25 4.75 -2.81 -4.08
N GLU A 26 3.94 -3.41 -4.94
CA GLU A 26 4.07 -3.21 -6.38
C GLU A 26 2.82 -2.56 -6.96
N LYS A 27 2.95 -1.96 -8.14
CA LYS A 27 1.83 -1.30 -8.80
C LYS A 27 0.88 -2.32 -9.41
N PRO A 28 -0.33 -2.40 -8.86
CA PRO A 28 -1.36 -3.33 -9.33
C PRO A 28 -1.91 -2.94 -10.69
N ASP A 29 -1.33 -3.52 -11.75
CA ASP A 29 -1.75 -3.23 -13.11
C ASP A 29 -1.24 -4.29 -14.07
N ASP A 30 0.08 -4.47 -14.09
CA ASP A 30 0.70 -5.46 -14.97
C ASP A 30 1.58 -6.42 -14.18
N GLY B 1 1.66 7.91 12.82
CA GLY B 1 0.85 9.01 13.31
C GLY B 1 -0.62 8.66 13.43
N SER B 2 -0.90 7.36 13.50
CA SER B 2 -2.28 6.89 13.62
C SER B 2 -3.10 7.33 12.42
N THR B 3 -2.54 7.16 11.22
CA THR B 3 -3.22 7.55 10.00
C THR B 3 -2.81 6.66 8.84
N ALA B 4 -3.41 6.87 7.67
CA ALA B 4 -3.10 6.10 6.48
C ALA B 4 -3.45 4.63 6.68
N PRO B 5 -3.59 3.89 5.56
CA PRO B 5 -3.92 2.46 5.60
C PRO B 5 -2.77 1.62 6.13
N PRO B 6 -3.05 0.33 6.42
CA PRO B 6 -2.05 -0.61 6.93
C PRO B 6 -1.00 -0.97 5.88
N LEU B 7 0.00 -1.73 6.30
CA LEU B 7 1.07 -2.16 5.39
C LEU B 7 0.79 -3.56 4.85
N PRO B 8 1.19 -3.78 3.59
CA PRO B 8 1.01 -5.08 2.92
C PRO B 8 1.90 -6.16 3.51
N ARG B 9 2.94 -5.75 4.23
CA ARG B 9 3.87 -6.68 4.86
C ARG B 9 3.24 -7.36 6.07
N GLY A 1 -5.76 -0.15 -11.87
CA GLY A 1 -6.63 -0.98 -11.07
C GLY A 1 -7.37 -0.18 -10.01
N SER A 2 -7.08 -0.45 -8.74
CA SER A 2 -7.72 0.25 -7.64
C SER A 2 -6.79 0.35 -6.44
N TRP A 3 -5.50 0.19 -6.69
CA TRP A 3 -4.51 0.27 -5.63
C TRP A 3 -4.09 1.71 -5.37
N THR A 4 -3.34 1.92 -4.29
CA THR A 4 -2.88 3.26 -3.93
C THR A 4 -1.42 3.24 -3.51
N GLU A 5 -0.58 3.96 -4.25
CA GLU A 5 0.85 4.03 -3.95
C GLU A 5 1.10 4.85 -2.70
N HIS A 6 1.56 4.20 -1.64
CA HIS A 6 1.83 4.88 -0.38
C HIS A 6 3.33 4.88 -0.08
N LYS A 7 3.71 5.51 1.02
CA LYS A 7 5.12 5.57 1.42
C LYS A 7 5.31 4.98 2.81
N SER A 8 6.23 4.03 2.92
CA SER A 8 6.51 3.38 4.19
C SER A 8 7.21 4.35 5.15
N PRO A 9 7.14 4.04 6.45
CA PRO A 9 7.75 4.86 7.50
C PRO A 9 9.28 4.80 7.46
N ASP A 10 9.81 3.93 6.60
CA ASP A 10 11.25 3.77 6.47
C ASP A 10 11.80 4.63 5.35
N GLY A 11 10.96 4.88 4.33
CA GLY A 11 11.38 5.69 3.22
C GLY A 11 11.15 5.00 1.88
N ARG A 12 10.46 3.87 1.91
CA ARG A 12 10.18 3.11 0.70
C ARG A 12 8.80 3.45 0.15
N THR A 13 8.27 2.59 -0.71
CA THR A 13 6.97 2.80 -1.31
C THR A 13 6.19 1.49 -1.43
N TYR A 14 4.96 1.49 -0.93
CA TYR A 14 4.12 0.30 -0.97
C TYR A 14 2.70 0.66 -1.41
N TYR A 15 2.14 -0.17 -2.29
CA TYR A 15 0.79 0.06 -2.79
C TYR A 15 -0.25 -0.63 -1.90
N TYR A 16 -1.49 -0.20 -2.02
CA TYR A 16 -2.58 -0.76 -1.22
C TYR A 16 -3.86 -0.85 -2.04
N ASN A 17 -4.40 -2.07 -2.14
CA ASN A 17 -5.64 -2.30 -2.89
C ASN A 17 -6.84 -1.80 -2.11
N THR A 18 -7.47 -0.74 -2.60
CA THR A 18 -8.64 -0.17 -1.96
C THR A 18 -9.92 -0.87 -2.40
N GLU A 19 -9.75 -1.92 -3.19
CA GLU A 19 -10.90 -2.69 -3.69
C GLU A 19 -10.98 -4.06 -3.02
N THR A 20 -9.81 -4.61 -2.68
CA THR A 20 -9.74 -5.91 -2.03
C THR A 20 -9.05 -5.81 -0.69
N LYS A 21 -8.61 -4.62 -0.32
CA LYS A 21 -7.93 -4.38 0.94
C LYS A 21 -6.63 -5.19 1.01
N GLN A 22 -5.68 -4.83 0.16
CA GLN A 22 -4.39 -5.52 0.13
C GLN A 22 -3.25 -4.52 0.12
N SER A 23 -2.02 -5.03 0.00
CA SER A 23 -0.83 -4.18 -0.02
C SER A 23 0.35 -4.91 -0.65
N THR A 24 1.31 -4.13 -1.14
CA THR A 24 2.50 -4.71 -1.77
C THR A 24 3.60 -3.68 -1.89
N TRP A 25 4.82 -4.14 -2.18
CA TRP A 25 5.97 -3.26 -2.33
C TRP A 25 6.24 -2.94 -3.79
N GLU A 26 5.48 -3.58 -4.68
CA GLU A 26 5.64 -3.36 -6.11
C GLU A 26 4.37 -2.77 -6.72
N LYS A 27 4.51 -2.17 -7.89
CA LYS A 27 3.37 -1.57 -8.59
C LYS A 27 2.49 -2.63 -9.21
N PRO A 28 1.27 -2.78 -8.69
CA PRO A 28 0.29 -3.76 -9.18
C PRO A 28 -0.24 -3.40 -10.56
N ASP A 29 0.46 -3.85 -11.60
CA ASP A 29 0.05 -3.58 -12.98
C ASP A 29 0.14 -4.83 -13.84
N ASP A 30 1.28 -5.52 -13.75
CA ASP A 30 1.49 -6.75 -14.51
C ASP A 30 1.17 -7.98 -13.67
N GLY B 1 2.16 7.78 14.22
CA GLY B 1 1.96 6.53 13.54
C GLY B 1 0.55 6.00 13.70
N SER B 2 -0.44 6.85 13.47
CA SER B 2 -1.84 6.47 13.61
C SER B 2 -2.63 6.87 12.36
N THR B 3 -1.99 6.77 11.20
CA THR B 3 -2.63 7.11 9.94
C THR B 3 -2.11 6.25 8.80
N ALA B 4 -2.71 6.40 7.63
CA ALA B 4 -2.31 5.64 6.45
C ALA B 4 -2.55 4.14 6.66
N PRO B 5 -2.61 3.39 5.55
CA PRO B 5 -2.84 1.94 5.59
C PRO B 5 -1.66 1.19 6.16
N PRO B 6 -1.87 -0.11 6.46
CA PRO B 6 -0.82 -0.97 7.01
C PRO B 6 0.27 -1.29 6.00
N LEU B 7 1.28 -2.03 6.43
CA LEU B 7 2.39 -2.41 5.56
C LEU B 7 2.21 -3.83 5.02
N PRO B 8 2.61 -4.04 3.77
CA PRO B 8 2.51 -5.35 3.10
C PRO B 8 3.46 -6.37 3.71
N ARG B 9 3.46 -7.58 3.15
CA ARG B 9 4.33 -8.65 3.62
C ARG B 9 5.67 -8.61 2.91
N GLY A 1 -7.85 1.86 -8.87
CA GLY A 1 -8.89 1.11 -8.18
C GLY A 1 -9.38 1.81 -6.94
N SER A 2 -8.91 1.38 -5.77
CA SER A 2 -9.32 1.97 -4.51
C SER A 2 -8.20 1.87 -3.47
N TRP A 3 -6.98 1.64 -3.95
CA TRP A 3 -5.83 1.51 -3.07
C TRP A 3 -5.26 2.89 -2.72
N THR A 4 -4.34 2.92 -1.76
CA THR A 4 -3.72 4.16 -1.34
C THR A 4 -2.21 4.00 -1.16
N GLU A 5 -1.44 4.76 -1.93
CA GLU A 5 0.01 4.70 -1.87
C GLU A 5 0.53 5.35 -0.58
N HIS A 6 1.07 4.53 0.31
CA HIS A 6 1.60 5.03 1.57
C HIS A 6 3.13 4.90 1.62
N LYS A 7 3.72 5.37 2.70
CA LYS A 7 5.17 5.31 2.87
C LYS A 7 5.54 4.53 4.13
N SER A 8 6.36 3.50 3.96
CA SER A 8 6.78 2.67 5.10
C SER A 8 7.69 3.47 6.02
N PRO A 9 7.80 3.00 7.28
CA PRO A 9 8.63 3.65 8.30
C PRO A 9 10.12 3.50 8.01
N ASP A 10 10.44 2.71 6.99
CA ASP A 10 11.83 2.49 6.61
C ASP A 10 12.27 3.45 5.51
N GLY A 11 11.31 3.88 4.70
CA GLY A 11 11.62 4.81 3.62
C GLY A 11 11.13 4.31 2.27
N ARG A 12 10.36 3.23 2.29
CA ARG A 12 9.84 2.65 1.05
C ARG A 12 8.42 3.14 0.78
N THR A 13 7.71 2.42 -0.08
CA THR A 13 6.34 2.79 -0.44
C THR A 13 5.47 1.55 -0.58
N TYR A 14 4.32 1.56 0.10
CA TYR A 14 3.40 0.44 0.04
C TYR A 14 1.96 0.92 -0.10
N TYR A 15 1.20 0.25 -0.96
CA TYR A 15 -0.19 0.61 -1.21
C TYR A 15 -1.12 -0.11 -0.24
N TYR A 16 -2.33 0.41 -0.10
CA TYR A 16 -3.32 -0.19 0.79
C TYR A 16 -4.73 -0.10 0.20
N ASN A 17 -5.37 -1.25 0.04
CA ASN A 17 -6.71 -1.31 -0.52
C ASN A 17 -7.74 -0.84 0.50
N THR A 18 -8.34 0.32 0.25
CA THR A 18 -9.35 0.87 1.14
C THR A 18 -10.73 0.31 0.84
N GLU A 19 -10.79 -0.64 -0.09
CA GLU A 19 -12.05 -1.26 -0.47
C GLU A 19 -12.13 -2.70 0.03
N THR A 20 -10.98 -3.36 0.10
CA THR A 20 -10.91 -4.74 0.57
C THR A 20 -10.01 -4.86 1.78
N LYS A 21 -9.43 -3.75 2.21
CA LYS A 21 -8.55 -3.73 3.36
C LYS A 21 -7.33 -4.61 3.12
N GLN A 22 -6.48 -4.20 2.18
CA GLN A 22 -5.28 -4.96 1.85
C GLN A 22 -4.06 -4.04 1.78
N SER A 23 -2.93 -4.61 1.39
CA SER A 23 -1.69 -3.84 1.29
C SER A 23 -0.68 -4.55 0.39
N THR A 24 0.25 -3.77 -0.17
CA THR A 24 1.26 -4.33 -1.05
C THR A 24 2.43 -3.35 -1.22
N TRP A 25 3.53 -3.85 -1.76
CA TRP A 25 4.72 -3.03 -1.97
C TRP A 25 4.78 -2.54 -3.42
N GLU A 26 3.85 -3.01 -4.24
CA GLU A 26 3.80 -2.62 -5.65
C GLU A 26 2.49 -1.90 -5.97
N LYS A 27 2.49 -1.15 -7.06
CA LYS A 27 1.30 -0.42 -7.48
C LYS A 27 0.27 -1.35 -8.11
N PRO A 28 -0.87 -1.52 -7.44
CA PRO A 28 -1.95 -2.39 -7.92
C PRO A 28 -2.65 -1.82 -9.15
N ASP A 29 -2.05 -2.02 -10.31
CA ASP A 29 -2.61 -1.53 -11.56
C ASP A 29 -2.39 -2.54 -12.69
N ASP A 30 -2.11 -3.78 -12.32
CA ASP A 30 -1.88 -4.83 -13.31
C ASP A 30 -2.78 -6.03 -13.03
N GLY B 1 -1.30 11.25 7.55
CA GLY B 1 -1.66 10.07 8.32
C GLY B 1 -0.73 9.85 9.50
N SER B 2 -1.27 10.01 10.71
CA SER B 2 -0.49 9.84 11.92
C SER B 2 -0.14 8.37 12.13
N THR B 3 -1.15 7.56 12.45
CA THR B 3 -0.95 6.14 12.68
C THR B 3 -0.70 5.39 11.38
N ALA B 4 -1.47 5.75 10.35
CA ALA B 4 -1.33 5.11 9.04
C ALA B 4 -1.66 3.63 9.11
N PRO B 5 -1.96 3.03 7.95
CA PRO B 5 -2.31 1.61 7.85
C PRO B 5 -1.11 0.71 8.12
N PRO B 6 -1.38 -0.60 8.30
CA PRO B 6 -0.34 -1.60 8.55
C PRO B 6 0.55 -1.84 7.35
N LEU B 7 1.58 -2.67 7.51
CA LEU B 7 2.49 -3.00 6.43
C LEU B 7 2.11 -4.31 5.77
N PRO B 8 2.31 -4.39 4.44
CA PRO B 8 2.00 -5.59 3.66
C PRO B 8 2.95 -6.74 3.97
N ARG B 9 2.81 -7.83 3.22
CA ARG B 9 3.66 -9.00 3.41
C ARG B 9 3.60 -9.49 4.85
N GLY A 1 -6.10 -0.93 -8.37
CA GLY A 1 -7.46 -0.46 -8.53
C GLY A 1 -7.96 0.30 -7.32
N SER A 2 -7.47 -0.07 -6.15
CA SER A 2 -7.88 0.58 -4.91
C SER A 2 -6.74 0.57 -3.89
N TRP A 3 -5.52 0.35 -4.38
CA TRP A 3 -4.35 0.31 -3.51
C TRP A 3 -3.80 1.71 -3.27
N THR A 4 -2.87 1.83 -2.34
CA THR A 4 -2.27 3.13 -2.02
C THR A 4 -0.76 3.01 -1.87
N GLU A 5 -0.03 3.71 -2.73
CA GLU A 5 1.44 3.68 -2.71
C GLU A 5 1.96 4.43 -1.49
N HIS A 6 2.52 3.69 -0.54
CA HIS A 6 3.06 4.29 0.67
C HIS A 6 4.60 4.21 0.67
N LYS A 7 5.20 4.78 1.71
CA LYS A 7 6.66 4.77 1.83
C LYS A 7 7.09 4.15 3.16
N SER A 8 7.87 3.07 3.08
CA SER A 8 8.34 2.38 4.27
C SER A 8 9.24 3.30 5.10
N PRO A 9 9.37 2.98 6.40
CA PRO A 9 10.20 3.75 7.33
C PRO A 9 11.69 3.62 7.03
N ASP A 10 12.02 2.76 6.07
CA ASP A 10 13.41 2.54 5.70
C ASP A 10 13.80 3.40 4.51
N GLY A 11 12.82 3.71 3.66
CA GLY A 11 13.07 4.53 2.50
C GLY A 11 12.56 3.89 1.21
N ARG A 12 11.90 2.75 1.35
CA ARG A 12 11.35 2.04 0.20
C ARG A 12 9.93 2.49 -0.09
N THR A 13 9.21 1.69 -0.88
CA THR A 13 7.83 2.00 -1.24
C THR A 13 6.97 0.75 -1.27
N TYR A 14 5.85 0.78 -0.57
CA TYR A 14 4.95 -0.36 -0.51
C TYR A 14 3.50 0.10 -0.67
N TYR A 15 2.73 -0.65 -1.47
CA TYR A 15 1.33 -0.33 -1.71
C TYR A 15 0.43 -1.00 -0.68
N TYR A 16 -0.78 -0.48 -0.53
CA TYR A 16 -1.74 -1.03 0.42
C TYR A 16 -3.15 -1.03 -0.15
N ASN A 17 -3.75 -2.20 -0.24
CA ASN A 17 -5.11 -2.33 -0.77
C ASN A 17 -6.13 -1.80 0.23
N THR A 18 -6.76 -0.69 -0.12
CA THR A 18 -7.77 -0.07 0.74
C THR A 18 -9.15 -0.69 0.51
N GLU A 19 -9.19 -1.73 -0.33
CA GLU A 19 -10.44 -2.40 -0.64
C GLU A 19 -10.48 -3.80 0.00
N THR A 20 -9.32 -4.43 0.09
CA THR A 20 -9.22 -5.76 0.67
C THR A 20 -8.28 -5.76 1.87
N LYS A 21 -7.71 -4.61 2.18
CA LYS A 21 -6.80 -4.47 3.31
C LYS A 21 -5.57 -5.36 3.12
N GLN A 22 -4.75 -5.02 2.14
CA GLN A 22 -3.54 -5.79 1.86
C GLN A 22 -2.34 -4.86 1.72
N SER A 23 -1.21 -5.43 1.31
CA SER A 23 0.02 -4.66 1.13
C SER A 23 1.01 -5.40 0.23
N THR A 24 1.93 -4.65 -0.37
CA THR A 24 2.92 -5.23 -1.27
C THR A 24 4.05 -4.25 -1.55
N TRP A 25 5.17 -4.77 -2.04
CA TRP A 25 6.33 -3.94 -2.35
C TRP A 25 6.35 -3.56 -3.83
N GLU A 26 5.39 -4.10 -4.58
CA GLU A 26 5.31 -3.83 -6.02
C GLU A 26 3.99 -3.14 -6.36
N LYS A 27 3.95 -2.49 -7.52
CA LYS A 27 2.76 -1.79 -7.97
C LYS A 27 1.70 -2.78 -8.47
N PRO A 28 0.59 -2.87 -7.73
CA PRO A 28 -0.52 -3.77 -8.07
C PRO A 28 -1.27 -3.31 -9.33
N ASP A 29 -0.81 -3.76 -10.49
CA ASP A 29 -1.43 -3.40 -11.75
C ASP A 29 -0.83 -4.20 -12.91
N ASP A 30 0.45 -3.96 -13.18
CA ASP A 30 1.14 -4.66 -14.25
C ASP A 30 1.24 -6.15 -13.96
N GLY B 1 -6.86 8.23 11.02
CA GLY B 1 -5.85 9.07 11.65
C GLY B 1 -4.79 9.53 10.69
N SER B 2 -3.63 9.91 11.22
CA SER B 2 -2.53 10.39 10.40
C SER B 2 -1.41 9.35 10.32
N THR B 3 -1.62 8.22 11.01
CA THR B 3 -0.63 7.15 11.03
C THR B 3 -0.57 6.44 9.68
N ALA B 4 0.40 5.54 9.53
CA ALA B 4 0.57 4.79 8.29
C ALA B 4 0.20 3.33 8.49
N PRO B 5 -0.17 2.66 7.39
CA PRO B 5 -0.56 1.25 7.41
C PRO B 5 0.63 0.33 7.67
N PRO B 6 0.33 -0.96 7.94
CA PRO B 6 1.37 -1.95 8.22
C PRO B 6 2.18 -2.30 6.98
N LEU B 7 3.34 -2.92 7.20
CA LEU B 7 4.22 -3.31 6.10
C LEU B 7 3.83 -4.67 5.55
N PRO B 8 4.02 -4.86 4.24
CA PRO B 8 3.70 -6.11 3.55
C PRO B 8 4.65 -7.24 3.94
N ARG B 9 4.09 -8.39 4.30
CA ARG B 9 4.89 -9.54 4.68
C ARG B 9 5.59 -10.16 3.48
N GLY A 1 -7.55 -1.78 -11.04
CA GLY A 1 -6.67 -1.52 -9.91
C GLY A 1 -7.41 -0.94 -8.72
N SER A 2 -6.98 -1.31 -7.52
CA SER A 2 -7.61 -0.82 -6.29
C SER A 2 -6.62 -0.78 -5.15
N TRP A 3 -5.33 -0.78 -5.48
CA TRP A 3 -4.27 -0.75 -4.48
C TRP A 3 -3.98 0.68 -4.04
N THR A 4 -3.19 0.83 -2.98
CA THR A 4 -2.84 2.15 -2.47
C THR A 4 -1.35 2.22 -2.14
N GLU A 5 -0.64 3.12 -2.83
CA GLU A 5 0.79 3.29 -2.60
C GLU A 5 1.05 3.98 -1.27
N HIS A 6 1.60 3.22 -0.32
CA HIS A 6 1.90 3.76 1.00
C HIS A 6 3.41 3.88 1.21
N LYS A 7 3.80 4.40 2.36
CA LYS A 7 5.22 4.58 2.69
C LYS A 7 5.57 3.85 3.97
N SER A 8 6.52 2.92 3.89
CA SER A 8 6.96 2.16 5.05
C SER A 8 7.59 3.08 6.10
N PRO A 9 7.63 2.60 7.35
CA PRO A 9 8.21 3.35 8.46
C PRO A 9 9.72 3.48 8.36
N ASP A 10 10.30 2.81 7.37
CA ASP A 10 11.74 2.86 7.16
C ASP A 10 12.12 3.92 6.14
N GLY A 11 11.21 4.16 5.19
CA GLY A 11 11.46 5.16 4.16
C GLY A 11 11.19 4.64 2.76
N ARG A 12 10.75 3.39 2.68
CA ARG A 12 10.46 2.76 1.39
C ARG A 12 9.01 3.03 0.98
N THR A 13 8.52 2.24 0.02
CA THR A 13 7.16 2.39 -0.46
C THR A 13 6.51 1.04 -0.73
N TYR A 14 5.33 0.84 -0.18
CA TYR A 14 4.60 -0.42 -0.35
C TYR A 14 3.13 -0.17 -0.65
N TYR A 15 2.59 -0.92 -1.61
CA TYR A 15 1.20 -0.78 -2.00
C TYR A 15 0.30 -1.68 -1.15
N TYR A 16 -0.99 -1.37 -1.14
CA TYR A 16 -1.96 -2.16 -0.38
C TYR A 16 -3.28 -2.28 -1.13
N ASN A 17 -3.70 -3.52 -1.38
CA ASN A 17 -4.95 -3.76 -2.09
C ASN A 17 -6.15 -3.51 -1.18
N THR A 18 -6.91 -2.46 -1.48
CA THR A 18 -8.09 -2.11 -0.70
C THR A 18 -9.31 -2.88 -1.17
N GLU A 19 -9.11 -3.80 -2.10
CA GLU A 19 -10.19 -4.61 -2.63
C GLU A 19 -10.08 -6.06 -2.13
N THR A 20 -8.86 -6.53 -1.98
CA THR A 20 -8.62 -7.89 -1.52
C THR A 20 -7.84 -7.90 -0.21
N LYS A 21 -7.51 -6.71 0.28
CA LYS A 21 -6.77 -6.58 1.53
C LYS A 21 -5.39 -7.24 1.42
N GLN A 22 -4.54 -6.69 0.56
CA GLN A 22 -3.20 -7.22 0.37
C GLN A 22 -2.15 -6.11 0.45
N SER A 23 -0.90 -6.46 0.19
CA SER A 23 0.19 -5.50 0.23
C SER A 23 1.39 -6.00 -0.56
N THR A 24 2.24 -5.07 -0.99
CA THR A 24 3.42 -5.42 -1.76
C THR A 24 4.43 -4.27 -1.79
N TRP A 25 5.65 -4.57 -2.21
CA TRP A 25 6.70 -3.54 -2.28
C TRP A 25 6.83 -3.00 -3.69
N GLU A 26 6.09 -3.59 -4.63
CA GLU A 26 6.13 -3.16 -6.02
C GLU A 26 4.75 -2.64 -6.47
N LYS A 27 4.75 -1.88 -7.56
CA LYS A 27 3.51 -1.32 -8.09
C LYS A 27 2.71 -2.38 -8.82
N PRO A 28 1.55 -2.74 -8.26
CA PRO A 28 0.65 -3.74 -8.84
C PRO A 28 0.00 -3.26 -10.13
N ASP A 29 0.73 -3.33 -11.23
CA ASP A 29 0.22 -2.90 -12.52
C ASP A 29 -0.76 -3.92 -13.09
N ASP A 30 -0.64 -5.16 -12.62
CA ASP A 30 -1.52 -6.24 -13.08
C ASP A 30 -2.92 -6.07 -12.53
N GLY B 1 -1.37 10.85 9.01
CA GLY B 1 -1.32 9.75 9.95
C GLY B 1 -2.70 9.31 10.40
N SER B 2 -3.15 8.16 9.89
CA SER B 2 -4.46 7.63 10.23
C SER B 2 -4.45 6.10 10.24
N THR B 3 -3.71 5.52 11.18
CA THR B 3 -3.62 4.07 11.29
C THR B 3 -3.34 3.44 9.94
N ALA B 4 -2.15 3.66 9.41
CA ALA B 4 -1.76 3.11 8.12
C ALA B 4 -1.86 1.59 8.13
N PRO B 5 -1.93 0.99 6.93
CA PRO B 5 -2.02 -0.46 6.77
C PRO B 5 -0.73 -1.17 7.16
N PRO B 6 -0.79 -2.50 7.27
CA PRO B 6 0.37 -3.32 7.64
C PRO B 6 1.41 -3.38 6.52
N LEU B 7 2.53 -4.05 6.80
CA LEU B 7 3.60 -4.17 5.82
C LEU B 7 3.52 -5.51 5.10
N PRO B 8 3.87 -5.51 3.80
CA PRO B 8 3.85 -6.72 2.97
C PRO B 8 4.94 -7.71 3.37
N ARG B 9 4.60 -8.63 4.26
CA ARG B 9 5.55 -9.63 4.72
C ARG B 9 5.02 -11.04 4.50
N GLY A 1 -6.82 -2.47 -10.14
CA GLY A 1 -7.66 -1.42 -10.67
C GLY A 1 -8.35 -0.63 -9.57
N SER A 2 -7.97 -0.87 -8.33
CA SER A 2 -8.55 -0.18 -7.19
C SER A 2 -7.55 -0.06 -6.04
N TRP A 3 -6.27 -0.23 -6.36
CA TRP A 3 -5.21 -0.15 -5.37
C TRP A 3 -4.80 1.31 -5.15
N THR A 4 -4.00 1.53 -4.10
CA THR A 4 -3.52 2.87 -3.78
C THR A 4 -2.03 2.86 -3.45
N GLU A 5 -1.25 3.59 -4.24
CA GLU A 5 0.19 3.67 -4.03
C GLU A 5 0.51 4.50 -2.81
N HIS A 6 1.00 3.85 -1.76
CA HIS A 6 1.35 4.55 -0.52
C HIS A 6 2.85 4.56 -0.32
N LYS A 7 3.30 5.22 0.76
CA LYS A 7 4.72 5.32 1.06
C LYS A 7 5.02 4.76 2.45
N SER A 8 5.87 3.74 2.50
CA SER A 8 6.23 3.11 3.77
C SER A 8 6.95 4.11 4.68
N PRO A 9 6.94 3.82 6.00
CA PRO A 9 7.58 4.68 6.99
C PRO A 9 9.10 4.65 6.90
N ASP A 10 9.62 3.79 6.01
CA ASP A 10 11.06 3.67 5.83
C ASP A 10 11.53 4.54 4.67
N GLY A 11 10.65 4.73 3.68
CA GLY A 11 10.99 5.54 2.52
C GLY A 11 10.68 4.84 1.22
N ARG A 12 10.12 3.64 1.31
CA ARG A 12 9.77 2.87 0.12
C ARG A 12 8.36 3.20 -0.35
N THR A 13 7.80 2.33 -1.19
CA THR A 13 6.46 2.53 -1.72
C THR A 13 5.70 1.21 -1.79
N TYR A 14 4.50 1.19 -1.22
CA TYR A 14 3.67 0.00 -1.23
C TYR A 14 2.22 0.33 -1.59
N TYR A 15 1.61 -0.50 -2.42
CA TYR A 15 0.24 -0.29 -2.84
C TYR A 15 -0.74 -0.98 -1.89
N TYR A 16 -2.00 -0.57 -1.94
CA TYR A 16 -3.02 -1.14 -1.08
C TYR A 16 -4.35 -1.25 -1.82
N ASN A 17 -4.88 -2.47 -1.90
CA ASN A 17 -6.14 -2.71 -2.58
C ASN A 17 -7.31 -2.23 -1.74
N THR A 18 -7.98 -1.17 -2.21
CA THR A 18 -9.12 -0.60 -1.50
C THR A 18 -10.41 -1.33 -1.86
N GLU A 19 -10.28 -2.39 -2.65
CA GLU A 19 -11.44 -3.18 -3.07
C GLU A 19 -11.47 -4.54 -2.38
N THR A 20 -10.28 -5.08 -2.13
CA THR A 20 -10.17 -6.38 -1.48
C THR A 20 -9.38 -6.27 -0.17
N LYS A 21 -8.95 -5.05 0.15
CA LYS A 21 -8.19 -4.81 1.37
C LYS A 21 -6.88 -5.60 1.37
N GLN A 22 -5.98 -5.24 0.47
CA GLN A 22 -4.69 -5.92 0.37
C GLN A 22 -3.55 -4.90 0.31
N SER A 23 -2.34 -5.41 0.09
CA SER A 23 -1.16 -4.54 0.03
C SER A 23 -0.01 -5.25 -0.68
N THR A 24 0.91 -4.48 -1.24
CA THR A 24 2.06 -5.03 -1.93
C THR A 24 3.16 -3.98 -2.12
N TRP A 25 4.35 -4.43 -2.48
CA TRP A 25 5.48 -3.54 -2.68
C TRP A 25 5.66 -3.22 -4.16
N GLU A 26 4.87 -3.87 -5.00
CA GLU A 26 4.94 -3.65 -6.44
C GLU A 26 3.62 -3.09 -6.97
N LYS A 27 3.68 -2.49 -8.15
CA LYS A 27 2.50 -1.90 -8.78
C LYS A 27 1.60 -2.99 -9.36
N PRO A 28 0.40 -3.16 -8.77
CA PRO A 28 -0.56 -4.16 -9.22
C PRO A 28 -1.18 -3.81 -10.57
N ASP A 29 -0.44 -4.09 -11.64
CA ASP A 29 -0.92 -3.80 -12.99
C ASP A 29 -0.19 -4.67 -14.01
N ASP A 30 0.02 -5.93 -13.66
CA ASP A 30 0.70 -6.87 -14.55
C ASP A 30 -0.23 -8.01 -14.95
N GLY B 1 -6.86 9.97 14.04
CA GLY B 1 -7.63 8.76 13.79
C GLY B 1 -7.36 8.19 12.42
N SER B 2 -7.52 9.00 11.39
CA SER B 2 -7.30 8.56 10.01
C SER B 2 -5.81 8.35 9.74
N THR B 3 -5.35 7.12 9.93
CA THR B 3 -3.94 6.79 9.70
C THR B 3 -3.77 5.95 8.44
N ALA B 4 -2.57 5.99 7.88
CA ALA B 4 -2.27 5.22 6.67
C ALA B 4 -2.51 3.73 6.89
N PRO B 5 -2.67 2.99 5.79
CA PRO B 5 -2.91 1.54 5.84
C PRO B 5 -1.68 0.76 6.30
N PRO B 6 -1.86 -0.53 6.59
CA PRO B 6 -0.79 -1.41 7.04
C PRO B 6 0.23 -1.70 5.95
N LEU B 7 1.29 -2.41 6.31
CA LEU B 7 2.34 -2.75 5.35
C LEU B 7 2.16 -4.17 4.82
N PRO B 8 2.52 -4.39 3.55
CA PRO B 8 2.40 -5.70 2.91
C PRO B 8 3.39 -6.71 3.46
N ARG B 9 3.36 -7.93 2.93
CA ARG B 9 4.26 -8.98 3.37
C ARG B 9 5.45 -9.10 2.44
N GLY A 1 -9.46 -2.56 -9.74
CA GLY A 1 -9.10 -1.19 -9.46
C GLY A 1 -9.77 -0.65 -8.22
N SER A 2 -9.28 -1.09 -7.06
CA SER A 2 -9.84 -0.65 -5.79
C SER A 2 -8.77 -0.64 -4.69
N TRP A 3 -7.51 -0.63 -5.12
CA TRP A 3 -6.40 -0.61 -4.18
C TRP A 3 -6.07 0.81 -3.73
N THR A 4 -5.20 0.93 -2.73
CA THR A 4 -4.81 2.24 -2.21
C THR A 4 -3.30 2.29 -1.96
N GLU A 5 -2.63 3.20 -2.66
CA GLU A 5 -1.19 3.36 -2.51
C GLU A 5 -0.84 4.01 -1.17
N HIS A 6 -0.20 3.24 -0.30
CA HIS A 6 0.19 3.74 1.01
C HIS A 6 1.72 3.83 1.13
N LYS A 7 2.18 4.32 2.28
CA LYS A 7 3.61 4.47 2.52
C LYS A 7 4.03 3.68 3.77
N SER A 8 5.02 2.81 3.60
CA SER A 8 5.51 1.99 4.70
C SER A 8 6.25 2.86 5.73
N PRO A 9 6.36 2.34 6.96
CA PRO A 9 7.04 3.05 8.05
C PRO A 9 8.56 3.14 7.83
N ASP A 10 9.04 2.49 6.78
CA ASP A 10 10.46 2.48 6.46
C ASP A 10 10.78 3.57 5.44
N GLY A 11 9.81 3.89 4.59
CA GLY A 11 10.01 4.91 3.58
C GLY A 11 9.67 4.41 2.18
N ARG A 12 9.08 3.23 2.11
CA ARG A 12 8.71 2.64 0.82
C ARG A 12 7.25 2.93 0.49
N THR A 13 6.69 2.16 -0.44
CA THR A 13 5.30 2.33 -0.84
C THR A 13 4.63 0.99 -1.09
N TYR A 14 3.47 0.79 -0.46
CA TYR A 14 2.73 -0.45 -0.61
C TYR A 14 1.24 -0.18 -0.82
N TYR A 15 0.63 -0.90 -1.74
CA TYR A 15 -0.79 -0.74 -2.04
C TYR A 15 -1.64 -1.64 -1.16
N TYR A 16 -2.92 -1.33 -1.06
CA TYR A 16 -3.84 -2.11 -0.25
C TYR A 16 -5.21 -2.21 -0.92
N ASN A 17 -5.65 -3.43 -1.18
CA ASN A 17 -6.94 -3.67 -1.81
C ASN A 17 -8.09 -3.43 -0.83
N THR A 18 -8.85 -2.37 -1.08
CA THR A 18 -9.98 -2.01 -0.22
C THR A 18 -11.23 -2.77 -0.62
N GLU A 19 -11.09 -3.69 -1.58
CA GLU A 19 -12.21 -4.48 -2.05
C GLU A 19 -12.08 -5.93 -1.61
N THR A 20 -10.85 -6.42 -1.53
CA THR A 20 -10.59 -7.78 -1.11
C THR A 20 -9.73 -7.83 0.14
N LYS A 21 -9.35 -6.66 0.64
CA LYS A 21 -8.53 -6.55 1.84
C LYS A 21 -7.18 -7.23 1.63
N GLN A 22 -6.37 -6.66 0.75
CA GLN A 22 -5.04 -7.20 0.46
C GLN A 22 -3.98 -6.12 0.52
N SER A 23 -2.76 -6.47 0.12
CA SER A 23 -1.65 -5.52 0.13
C SER A 23 -0.52 -6.01 -0.77
N THR A 24 0.32 -5.06 -1.21
CA THR A 24 1.43 -5.39 -2.09
C THR A 24 2.44 -4.25 -2.15
N TRP A 25 3.64 -4.54 -2.64
CA TRP A 25 4.69 -3.53 -2.75
C TRP A 25 4.74 -2.96 -4.16
N GLU A 26 3.91 -3.49 -5.05
CA GLU A 26 3.87 -3.04 -6.43
C GLU A 26 2.47 -2.57 -6.81
N LYS A 27 2.38 -1.79 -7.87
CA LYS A 27 1.09 -1.28 -8.34
C LYS A 27 0.32 -2.36 -9.09
N PRO A 28 -0.82 -2.77 -8.51
CA PRO A 28 -1.67 -3.81 -9.10
C PRO A 28 -2.37 -3.33 -10.37
N ASP A 29 -1.64 -3.29 -11.47
CA ASP A 29 -2.18 -2.84 -12.74
C ASP A 29 -1.31 -3.31 -13.90
N ASP A 30 -0.07 -2.86 -13.93
CA ASP A 30 0.87 -3.24 -14.98
C ASP A 30 1.68 -4.46 -14.58
N GLY B 1 0.79 9.24 9.30
CA GLY B 1 1.42 7.96 9.56
C GLY B 1 0.92 7.32 10.86
N SER B 2 -0.28 7.73 11.29
CA SER B 2 -0.87 7.20 12.52
C SER B 2 -1.76 6.01 12.22
N THR B 3 -2.89 6.28 11.56
CA THR B 3 -3.84 5.23 11.21
C THR B 3 -3.65 4.76 9.77
N ALA B 4 -3.09 3.57 9.61
CA ALA B 4 -2.84 3.01 8.29
C ALA B 4 -3.00 1.50 8.30
N PRO B 5 -3.21 0.91 7.10
CA PRO B 5 -3.38 -0.53 6.96
C PRO B 5 -2.09 -1.30 7.22
N PRO B 6 -2.20 -2.63 7.32
CA PRO B 6 -1.05 -3.51 7.58
C PRO B 6 -0.12 -3.59 6.38
N LEU B 7 1.07 -4.15 6.60
CA LEU B 7 2.05 -4.28 5.54
C LEU B 7 1.88 -5.60 4.80
N PRO B 8 2.16 -5.59 3.49
CA PRO B 8 2.04 -6.78 2.64
C PRO B 8 3.11 -7.83 2.96
N ARG B 9 4.10 -7.44 3.76
CA ARG B 9 5.17 -8.35 4.14
C ARG B 9 4.81 -9.10 5.42
N GLY A 1 -9.54 -2.22 -9.89
CA GLY A 1 -8.64 -1.56 -8.96
C GLY A 1 -9.35 -1.09 -7.71
N SER A 2 -8.84 -1.48 -6.55
CA SER A 2 -9.43 -1.08 -5.27
C SER A 2 -8.36 -0.98 -4.19
N TRP A 3 -7.11 -0.88 -4.60
CA TRP A 3 -6.00 -0.77 -3.67
C TRP A 3 -5.72 0.69 -3.32
N THR A 4 -4.86 0.89 -2.32
CA THR A 4 -4.50 2.24 -1.89
C THR A 4 -3.01 2.36 -1.66
N GLU A 5 -2.36 3.23 -2.45
CA GLU A 5 -0.92 3.44 -2.33
C GLU A 5 -0.59 4.20 -1.05
N HIS A 6 0.02 3.51 -0.09
CA HIS A 6 0.39 4.13 1.18
C HIS A 6 1.91 4.29 1.28
N LYS A 7 2.36 4.92 2.35
CA LYS A 7 3.79 5.14 2.56
C LYS A 7 4.23 4.53 3.89
N SER A 8 5.15 3.57 3.82
CA SER A 8 5.67 2.91 5.01
C SER A 8 6.34 3.91 5.94
N PRO A 9 6.44 3.55 7.22
CA PRO A 9 7.07 4.40 8.24
C PRO A 9 8.58 4.52 8.06
N ASP A 10 9.10 3.78 7.08
CA ASP A 10 10.53 3.81 6.80
C ASP A 10 10.85 4.79 5.68
N GLY A 11 9.88 4.98 4.78
CA GLY A 11 10.08 5.89 3.67
C GLY A 11 9.76 5.23 2.33
N ARG A 12 9.28 4.00 2.37
CA ARG A 12 8.94 3.27 1.16
C ARG A 12 7.48 3.50 0.77
N THR A 13 6.97 2.63 -0.10
CA THR A 13 5.58 2.74 -0.55
C THR A 13 4.95 1.36 -0.69
N TYR A 14 3.80 1.18 -0.05
CA TYR A 14 3.09 -0.09 -0.11
C TYR A 14 1.59 0.12 -0.33
N TYR A 15 1.01 -0.70 -1.20
CA TYR A 15 -0.41 -0.60 -1.52
C TYR A 15 -1.23 -1.47 -0.59
N TYR A 16 -2.53 -1.17 -0.50
CA TYR A 16 -3.43 -1.93 0.36
C TYR A 16 -4.79 -2.11 -0.31
N ASN A 17 -5.20 -3.36 -0.49
CA ASN A 17 -6.48 -3.66 -1.11
C ASN A 17 -7.64 -3.39 -0.14
N THR A 18 -8.44 -2.38 -0.46
CA THR A 18 -9.57 -2.00 0.36
C THR A 18 -10.81 -2.82 0.01
N GLU A 19 -10.63 -3.80 -0.88
CA GLU A 19 -11.73 -4.65 -1.31
C GLU A 19 -11.56 -6.06 -0.77
N THR A 20 -10.31 -6.50 -0.65
CA THR A 20 -10.02 -7.84 -0.14
C THR A 20 -9.16 -7.77 1.11
N LYS A 21 -8.81 -6.56 1.53
CA LYS A 21 -8.00 -6.37 2.72
C LYS A 21 -6.63 -7.02 2.55
N GLN A 22 -5.83 -6.47 1.65
CA GLN A 22 -4.49 -7.00 1.39
C GLN A 22 -3.46 -5.89 1.39
N SER A 23 -2.22 -6.22 1.03
CA SER A 23 -1.13 -5.26 0.99
C SER A 23 0.02 -5.76 0.12
N THR A 24 0.83 -4.83 -0.37
CA THR A 24 1.96 -5.18 -1.22
C THR A 24 2.92 -4.00 -1.36
N TRP A 25 4.14 -4.29 -1.82
CA TRP A 25 5.15 -3.26 -2.00
C TRP A 25 5.20 -2.79 -3.45
N GLU A 26 4.40 -3.42 -4.30
CA GLU A 26 4.35 -3.07 -5.72
C GLU A 26 2.95 -2.59 -6.11
N LYS A 27 2.87 -1.87 -7.22
CA LYS A 27 1.60 -1.36 -7.71
C LYS A 27 0.77 -2.46 -8.36
N PRO A 28 -0.35 -2.82 -7.73
CA PRO A 28 -1.24 -3.86 -8.24
C PRO A 28 -1.97 -3.44 -9.50
N ASP A 29 -1.26 -3.43 -10.62
CA ASP A 29 -1.84 -3.04 -11.90
C ASP A 29 -1.59 -4.12 -12.96
N ASP A 30 -0.32 -4.46 -13.15
CA ASP A 30 0.06 -5.47 -14.14
C ASP A 30 -0.43 -6.86 -13.71
N GLY B 1 2.87 8.85 9.59
CA GLY B 1 2.65 10.07 10.33
C GLY B 1 1.32 10.06 11.07
N SER B 2 0.43 9.15 10.69
CA SER B 2 -0.88 9.05 11.32
C SER B 2 -1.47 7.66 11.11
N THR B 3 -2.75 7.51 11.44
CA THR B 3 -3.44 6.23 11.29
C THR B 3 -3.25 5.67 9.89
N ALA B 4 -2.82 4.42 9.82
CA ALA B 4 -2.60 3.75 8.54
C ALA B 4 -2.72 2.24 8.67
N PRO B 5 -2.92 1.56 7.53
CA PRO B 5 -3.06 0.10 7.50
C PRO B 5 -1.74 -0.62 7.80
N PRO B 6 -1.82 -1.94 8.01
CA PRO B 6 -0.64 -2.76 8.30
C PRO B 6 0.29 -2.89 7.11
N LEU B 7 1.52 -3.33 7.36
CA LEU B 7 2.50 -3.50 6.30
C LEU B 7 2.37 -4.87 5.66
N PRO B 8 2.67 -4.95 4.35
CA PRO B 8 2.59 -6.20 3.59
C PRO B 8 3.68 -7.18 3.99
N ARG B 9 3.43 -8.47 3.75
CA ARG B 9 4.40 -9.51 4.09
C ARG B 9 4.67 -9.54 5.59
N GLY A 1 -7.64 1.05 -9.47
CA GLY A 1 -6.67 2.05 -9.05
C GLY A 1 -7.13 2.86 -7.86
N SER A 2 -6.76 2.42 -6.67
CA SER A 2 -7.15 3.11 -5.44
C SER A 2 -6.10 2.92 -4.35
N TRP A 3 -4.90 2.53 -4.76
CA TRP A 3 -3.81 2.31 -3.82
C TRP A 3 -3.09 3.62 -3.51
N THR A 4 -2.20 3.59 -2.52
CA THR A 4 -1.44 4.77 -2.12
C THR A 4 0.02 4.42 -1.88
N GLU A 5 0.90 5.03 -2.69
CA GLU A 5 2.33 4.78 -2.56
C GLU A 5 2.88 5.44 -1.30
N HIS A 6 3.24 4.63 -0.32
CA HIS A 6 3.78 5.13 0.93
C HIS A 6 5.27 4.84 1.04
N LYS A 7 5.90 5.31 2.12
CA LYS A 7 7.32 5.09 2.34
C LYS A 7 7.56 4.39 3.67
N SER A 8 8.17 3.22 3.61
CA SER A 8 8.46 2.45 4.82
C SER A 8 9.42 3.21 5.73
N PRO A 9 9.42 2.84 7.02
CA PRO A 9 10.27 3.47 8.03
C PRO A 9 11.74 3.15 7.84
N ASP A 10 12.02 2.27 6.87
CA ASP A 10 13.39 1.87 6.58
C ASP A 10 13.98 2.70 5.43
N GLY A 11 13.10 3.15 4.53
CA GLY A 11 13.55 3.94 3.41
C GLY A 11 13.04 3.40 2.09
N ARG A 12 12.22 2.36 2.15
CA ARG A 12 11.68 1.74 0.95
C ARG A 12 10.35 2.38 0.56
N THR A 13 9.60 1.71 -0.29
CA THR A 13 8.31 2.21 -0.75
C THR A 13 7.28 1.09 -0.87
N TYR A 14 6.13 1.27 -0.22
CA TYR A 14 5.07 0.28 -0.26
C TYR A 14 3.72 0.93 -0.50
N TYR A 15 2.92 0.30 -1.36
CA TYR A 15 1.59 0.83 -1.69
C TYR A 15 0.54 0.26 -0.73
N TYR A 16 -0.59 0.95 -0.64
CA TYR A 16 -1.69 0.51 0.23
C TYR A 16 -3.04 0.75 -0.44
N ASN A 17 -3.82 -0.33 -0.56
CA ASN A 17 -5.14 -0.24 -1.18
C ASN A 17 -6.14 0.41 -0.23
N THR A 18 -6.58 1.61 -0.56
CA THR A 18 -7.54 2.34 0.26
C THR A 18 -8.97 1.93 -0.08
N GLU A 19 -9.10 0.95 -0.97
CA GLU A 19 -10.42 0.47 -1.38
C GLU A 19 -10.71 -0.91 -0.80
N THR A 20 -9.65 -1.72 -0.68
CA THR A 20 -9.79 -3.06 -0.14
C THR A 20 -8.96 -3.24 1.13
N LYS A 21 -8.26 -2.18 1.52
CA LYS A 21 -7.42 -2.22 2.71
C LYS A 21 -6.31 -3.25 2.58
N GLN A 22 -5.40 -3.01 1.66
CA GLN A 22 -4.28 -3.92 1.43
C GLN A 22 -2.95 -3.16 1.36
N SER A 23 -1.88 -3.89 1.06
CA SER A 23 -0.55 -3.27 0.97
C SER A 23 0.39 -4.14 0.15
N THR A 24 1.43 -3.53 -0.40
CA THR A 24 2.41 -4.25 -1.20
C THR A 24 3.68 -3.44 -1.38
N TRP A 25 4.74 -4.10 -1.84
CA TRP A 25 6.02 -3.44 -2.05
C TRP A 25 6.20 -3.03 -3.51
N GLU A 26 5.25 -3.43 -4.35
CA GLU A 26 5.30 -3.11 -5.77
C GLU A 26 4.12 -2.23 -6.17
N LYS A 27 4.26 -1.55 -7.30
CA LYS A 27 3.20 -0.68 -7.81
C LYS A 27 2.07 -1.50 -8.43
N PRO A 28 0.90 -1.47 -7.77
CA PRO A 28 -0.29 -2.19 -8.24
C PRO A 28 -0.87 -1.59 -9.52
N ASP A 29 -0.22 -1.87 -10.65
CA ASP A 29 -0.67 -1.35 -11.93
C ASP A 29 -1.59 -2.36 -12.62
N ASP A 30 -1.03 -3.46 -13.08
CA ASP A 30 -1.80 -4.50 -13.76
C ASP A 30 -1.14 -5.87 -13.58
N GLY B 1 -6.30 9.86 8.71
CA GLY B 1 -6.43 10.21 10.12
C GLY B 1 -5.17 9.89 10.90
N SER B 2 -4.80 8.62 10.94
CA SER B 2 -3.61 8.18 11.66
C SER B 2 -2.35 8.57 10.91
N THR B 3 -1.20 8.35 11.56
CA THR B 3 0.09 8.68 10.94
C THR B 3 0.22 8.06 9.56
N ALA B 4 0.43 6.74 9.53
CA ALA B 4 0.56 6.03 8.27
C ALA B 4 0.06 4.59 8.39
N PRO B 5 -0.25 3.96 7.25
CA PRO B 5 -0.76 2.58 7.21
C PRO B 5 0.32 1.57 7.58
N PRO B 6 -0.10 0.32 7.81
CA PRO B 6 0.81 -0.77 8.17
C PRO B 6 1.71 -1.18 7.01
N LEU B 7 2.57 -2.16 7.27
CA LEU B 7 3.50 -2.65 6.24
C LEU B 7 2.98 -3.96 5.63
N PRO B 8 3.22 -4.13 4.33
CA PRO B 8 2.80 -5.33 3.60
C PRO B 8 3.60 -6.56 4.00
N ARG B 9 3.09 -7.73 3.62
CA ARG B 9 3.76 -8.99 3.94
C ARG B 9 4.91 -9.26 2.97
N GLY A 1 -9.04 -1.88 -11.16
CA GLY A 1 -8.20 -1.82 -9.99
C GLY A 1 -8.85 -1.08 -8.84
N SER A 2 -8.39 -1.36 -7.62
CA SER A 2 -8.94 -0.72 -6.44
C SER A 2 -7.89 -0.63 -5.33
N TRP A 3 -6.62 -0.74 -5.71
CA TRP A 3 -5.53 -0.66 -4.77
C TRP A 3 -5.13 0.79 -4.49
N THR A 4 -4.28 0.98 -3.49
CA THR A 4 -3.83 2.32 -3.12
C THR A 4 -2.33 2.34 -2.87
N GLU A 5 -1.61 3.11 -3.69
CA GLU A 5 -0.16 3.21 -3.56
C GLU A 5 0.21 4.02 -2.30
N HIS A 6 0.76 3.32 -1.31
CA HIS A 6 1.16 3.97 -0.06
C HIS A 6 2.68 4.02 0.05
N LYS A 7 3.16 4.63 1.13
CA LYS A 7 4.60 4.75 1.37
C LYS A 7 4.98 4.13 2.71
N SER A 8 5.86 3.13 2.66
CA SER A 8 6.30 2.46 3.88
C SER A 8 7.03 3.43 4.80
N PRO A 9 7.10 3.07 6.10
CA PRO A 9 7.77 3.90 7.10
C PRO A 9 9.29 3.92 6.92
N ASP A 10 9.78 3.12 5.98
CA ASP A 10 11.21 3.05 5.71
C ASP A 10 11.59 3.99 4.57
N GLY A 11 10.66 4.20 3.64
CA GLY A 11 10.92 5.07 2.52
C GLY A 11 10.56 4.43 1.19
N ARG A 12 10.02 3.21 1.25
CA ARG A 12 9.64 2.48 0.05
C ARG A 12 8.20 2.79 -0.33
N THR A 13 7.62 1.94 -1.18
CA THR A 13 6.24 2.14 -1.63
C THR A 13 5.51 0.79 -1.73
N TYR A 14 4.34 0.73 -1.11
CA TYR A 14 3.54 -0.50 -1.13
C TYR A 14 2.07 -0.18 -1.39
N TYR A 15 1.44 -0.99 -2.23
CA TYR A 15 0.04 -0.80 -2.58
C TYR A 15 -0.86 -1.57 -1.61
N TYR A 16 -2.13 -1.16 -1.54
CA TYR A 16 -3.09 -1.80 -0.66
C TYR A 16 -4.46 -1.92 -1.33
N ASN A 17 -4.95 -3.14 -1.45
CA ASN A 17 -6.25 -3.40 -2.08
C ASN A 17 -7.38 -2.97 -1.16
N THR A 18 -8.10 -1.92 -1.55
CA THR A 18 -9.22 -1.42 -0.76
C THR A 18 -10.51 -2.17 -1.10
N GLU A 19 -10.39 -3.21 -1.90
CA GLU A 19 -11.54 -4.00 -2.30
C GLU A 19 -11.48 -5.41 -1.71
N THR A 20 -10.27 -5.94 -1.59
CA THR A 20 -10.06 -7.27 -1.04
C THR A 20 -9.23 -7.21 0.23
N LYS A 21 -8.80 -6.01 0.61
CA LYS A 21 -8.01 -5.83 1.81
C LYS A 21 -6.68 -6.58 1.71
N GLN A 22 -5.82 -6.13 0.82
CA GLN A 22 -4.52 -6.77 0.62
C GLN A 22 -3.41 -5.72 0.57
N SER A 23 -2.19 -6.17 0.24
CA SER A 23 -1.05 -5.28 0.17
C SER A 23 0.07 -5.91 -0.67
N THR A 24 0.95 -5.06 -1.20
CA THR A 24 2.06 -5.53 -2.02
C THR A 24 3.11 -4.44 -2.19
N TRP A 25 4.30 -4.83 -2.62
CA TRP A 25 5.39 -3.89 -2.83
C TRP A 25 5.49 -3.49 -4.30
N GLU A 26 4.64 -4.09 -5.13
CA GLU A 26 4.64 -3.80 -6.56
C GLU A 26 3.25 -3.34 -7.01
N LYS A 27 3.22 -2.67 -8.16
CA LYS A 27 1.95 -2.16 -8.70
C LYS A 27 1.14 -3.29 -9.33
N PRO A 28 -0.02 -3.59 -8.73
CA PRO A 28 -0.91 -4.65 -9.22
C PRO A 28 -1.57 -4.28 -10.55
N ASP A 29 -1.41 -3.04 -10.96
CA ASP A 29 -1.99 -2.56 -12.21
C ASP A 29 -1.00 -1.69 -12.98
N ASP A 30 0.13 -2.28 -13.37
CA ASP A 30 1.16 -1.56 -14.10
C ASP A 30 0.74 -1.34 -15.55
N GLY B 1 -6.96 10.54 7.09
CA GLY B 1 -6.63 10.50 8.51
C GLY B 1 -5.16 10.28 8.76
N SER B 2 -4.77 10.22 10.04
CA SER B 2 -3.38 10.01 10.40
C SER B 2 -3.10 8.54 10.69
N THR B 3 -3.77 7.67 9.95
CA THR B 3 -3.60 6.23 10.13
C THR B 3 -3.47 5.53 8.78
N ALA B 4 -2.29 4.97 8.52
CA ALA B 4 -2.04 4.26 7.27
C ALA B 4 -2.25 2.75 7.44
N PRO B 5 -2.45 2.05 6.31
CA PRO B 5 -2.66 0.61 6.30
C PRO B 5 -1.40 -0.17 6.68
N PRO B 6 -1.57 -1.48 6.93
CA PRO B 6 -0.45 -2.35 7.31
C PRO B 6 0.50 -2.60 6.15
N LEU B 7 1.63 -3.24 6.44
CA LEU B 7 2.64 -3.53 5.42
C LEU B 7 2.43 -4.93 4.84
N PRO B 8 2.72 -5.09 3.54
CA PRO B 8 2.58 -6.37 2.85
C PRO B 8 3.61 -7.39 3.31
N ARG B 9 3.13 -8.56 3.72
CA ARG B 9 4.01 -9.64 4.18
C ARG B 9 4.14 -10.72 3.13
N GLY A 1 -8.64 1.25 -10.33
CA GLY A 1 -7.70 1.26 -9.23
C GLY A 1 -8.25 1.99 -8.02
N SER A 2 -7.88 1.53 -6.83
CA SER A 2 -8.34 2.14 -5.59
C SER A 2 -7.28 2.01 -4.49
N TRP A 3 -6.06 1.73 -4.89
CA TRP A 3 -4.95 1.58 -3.95
C TRP A 3 -4.35 2.93 -3.58
N THR A 4 -3.48 2.94 -2.59
CA THR A 4 -2.84 4.17 -2.15
C THR A 4 -1.35 3.95 -1.88
N GLU A 5 -0.51 4.67 -2.63
CA GLU A 5 0.93 4.54 -2.47
C GLU A 5 1.40 5.19 -1.17
N HIS A 6 1.89 4.37 -0.25
CA HIS A 6 2.36 4.86 1.04
C HIS A 6 3.86 4.67 1.17
N LYS A 7 4.42 5.12 2.29
CA LYS A 7 5.86 5.00 2.54
C LYS A 7 6.11 4.22 3.83
N SER A 8 6.92 3.18 3.73
CA SER A 8 7.25 2.35 4.89
C SER A 8 8.14 3.11 5.86
N PRO A 9 8.15 2.66 7.12
CA PRO A 9 8.97 3.28 8.17
C PRO A 9 10.46 3.05 7.97
N ASP A 10 10.80 2.25 6.97
CA ASP A 10 12.19 1.94 6.66
C ASP A 10 12.72 2.88 5.58
N GLY A 11 11.84 3.34 4.70
CA GLY A 11 12.24 4.24 3.64
C GLY A 11 11.81 3.73 2.27
N ARG A 12 10.98 2.69 2.25
CA ARG A 12 10.50 2.11 1.00
C ARG A 12 9.13 2.67 0.64
N THR A 13 8.42 1.97 -0.24
CA THR A 13 7.10 2.39 -0.68
C THR A 13 6.18 1.19 -0.86
N TYR A 14 5.01 1.25 -0.21
CA TYR A 14 4.03 0.17 -0.29
C TYR A 14 2.63 0.72 -0.53
N TYR A 15 1.89 0.07 -1.42
CA TYR A 15 0.53 0.50 -1.74
C TYR A 15 -0.48 -0.17 -0.83
N TYR A 16 -1.68 0.39 -0.76
CA TYR A 16 -2.73 -0.16 0.08
C TYR A 16 -4.10 -0.03 -0.60
N ASN A 17 -4.76 -1.16 -0.79
CA ASN A 17 -6.08 -1.18 -1.43
C ASN A 17 -7.15 -0.65 -0.48
N THR A 18 -7.69 0.52 -0.79
CA THR A 18 -8.73 1.13 0.03
C THR A 18 -10.11 0.61 -0.35
N GLU A 19 -10.14 -0.36 -1.26
CA GLU A 19 -11.40 -0.94 -1.71
C GLU A 19 -11.57 -2.36 -1.17
N THR A 20 -10.45 -3.06 -1.02
CA THR A 20 -10.46 -4.44 -0.53
C THR A 20 -9.62 -4.57 0.74
N LYS A 21 -9.03 -3.46 1.17
CA LYS A 21 -8.21 -3.46 2.38
C LYS A 21 -7.02 -4.40 2.22
N GLN A 22 -6.11 -4.04 1.32
CA GLN A 22 -4.91 -4.84 1.08
C GLN A 22 -3.66 -3.98 1.08
N SER A 23 -2.52 -4.59 0.75
CA SER A 23 -1.25 -3.88 0.71
C SER A 23 -0.23 -4.63 -0.13
N THR A 24 0.76 -3.90 -0.65
CA THR A 24 1.80 -4.50 -1.47
C THR A 24 3.01 -3.58 -1.59
N TRP A 25 4.12 -4.12 -2.07
CA TRP A 25 5.34 -3.34 -2.23
C TRP A 25 5.50 -2.87 -3.67
N GLU A 26 4.59 -3.32 -4.54
CA GLU A 26 4.63 -2.93 -5.94
C GLU A 26 3.38 -2.15 -6.33
N LYS A 27 3.46 -1.43 -7.45
CA LYS A 27 2.34 -0.64 -7.92
C LYS A 27 1.28 -1.52 -8.58
N PRO A 28 0.11 -1.62 -7.94
CA PRO A 28 -1.01 -2.43 -8.44
C PRO A 28 -1.63 -1.85 -9.71
N ASP A 29 -0.95 -2.05 -10.83
CA ASP A 29 -1.44 -1.54 -12.12
C ASP A 29 -2.18 -2.63 -12.89
N ASP A 30 -1.66 -3.85 -12.82
CA ASP A 30 -2.27 -4.98 -13.52
C ASP A 30 -2.74 -6.03 -12.52
N GLY B 1 -5.79 9.90 8.27
CA GLY B 1 -5.87 11.05 9.16
C GLY B 1 -4.96 10.91 10.37
N SER B 2 -3.73 11.39 10.25
CA SER B 2 -2.78 11.31 11.33
C SER B 2 -2.41 9.86 11.64
N THR B 3 -2.77 8.97 10.72
CA THR B 3 -2.48 7.54 10.88
C THR B 3 -2.20 6.88 9.54
N ALA B 4 -1.29 5.93 9.54
CA ALA B 4 -0.93 5.21 8.31
C ALA B 4 -1.34 3.75 8.40
N PRO B 5 -1.61 3.13 7.24
CA PRO B 5 -2.03 1.73 7.15
C PRO B 5 -0.88 0.78 7.49
N PRO B 6 -1.21 -0.51 7.66
CA PRO B 6 -0.24 -1.55 7.98
C PRO B 6 0.71 -1.84 6.82
N LEU B 7 1.65 -2.76 7.05
CA LEU B 7 2.61 -3.13 6.02
C LEU B 7 2.21 -4.44 5.34
N PRO B 8 2.51 -4.55 4.05
CA PRO B 8 2.20 -5.74 3.26
C PRO B 8 3.06 -6.94 3.66
N ARG B 9 4.36 -6.72 3.75
CA ARG B 9 5.30 -7.79 4.11
C ARG B 9 6.49 -7.22 4.88
#